data_3WGI
#
_entry.id   3WGI
#
_cell.length_a   95.990
_cell.length_b   116.439
_cell.length_c   132.887
_cell.angle_alpha   90.00
_cell.angle_beta   90.00
_cell.angle_gamma   90.00
#
_symmetry.space_group_name_H-M   'P 21 21 21'
#
loop_
_entity.id
_entity.type
_entity.pdbx_description
1 polymer 'Redox-sensing transcriptional repressor rex'
2 polymer "DNA (5'-D(*TP*AP*GP*AP*TP*TP*GP*TP*TP*AP*AP*TP*CP*GP*AP*TP*TP*AP*AP*CP*AP*AP*TP*C)-3')"
3 non-polymer 'NICOTINAMIDE-ADENINE-DINUCLEOTIDE (ACIDIC FORM)'
#
loop_
_entity_poly.entity_id
_entity_poly.type
_entity_poly.pdbx_seq_one_letter_code
_entity_poly.pdbx_strand_id
1 'polypeptide(L)'
;MSKKTIVSMAVIRRLPRYHRYLEELLKNDVKRISSRELSEKMGVTASQIRQDLNNFGGFGQQGYGYNVEELYNNLTKILG
LDKTYNTIIIGAGNLGQAIANYTSFEKSGFNLKGIFDINPRLFGLKIRDVEVMDVETVEDFIARNKIDIGILCIPKDNAQ
YTADRLVRAGIKAIWNFLPIDLKVPDDVILENVHLSDSLFTVSYRLNEEELFKKLKGETAKIDG
;
A,B,C,D
2 'polydeoxyribonucleotide'
;(DT)(DA)(DG)(DA)(DT)(DT)(DG)(DT)(DT)(DA)(DA)(DT)(DC)(DG)(DA)(DT)(DT)(DA)(DA)(DC)
(DA)(DA)(DT)(DC)
;
E,F,G,H
#
# COMPACT_ATOMS: atom_id res chain seq x y z
N LYS A 4 9.36 -3.72 -6.34
CA LYS A 4 10.72 -3.89 -6.91
C LYS A 4 11.60 -4.85 -6.06
N THR A 5 12.15 -5.88 -6.70
CA THR A 5 12.96 -6.90 -6.01
C THR A 5 14.47 -6.74 -6.23
N ILE A 6 15.25 -7.33 -5.32
CA ILE A 6 16.70 -7.18 -5.31
C ILE A 6 17.33 -7.64 -6.63
N VAL A 7 17.07 -8.89 -7.00
CA VAL A 7 17.56 -9.44 -8.27
C VAL A 7 16.62 -9.05 -9.40
N SER A 8 17.15 -8.81 -10.59
CA SER A 8 16.32 -8.54 -11.74
C SER A 8 15.34 -9.69 -11.98
N MET A 9 14.10 -9.37 -12.32
CA MET A 9 13.03 -10.39 -12.48
C MET A 9 13.28 -11.35 -13.63
N ALA A 10 13.75 -10.81 -14.75
CA ALA A 10 14.14 -11.63 -15.90
C ALA A 10 14.90 -12.86 -15.47
N VAL A 11 15.80 -12.66 -14.52
CA VAL A 11 16.61 -13.70 -13.92
C VAL A 11 15.77 -14.61 -13.04
N ILE A 12 15.01 -14.00 -12.15
CA ILE A 12 14.25 -14.75 -11.18
C ILE A 12 13.36 -15.78 -11.85
N ARG A 13 12.72 -15.37 -12.94
CA ARG A 13 11.89 -16.27 -13.71
C ARG A 13 12.65 -17.42 -14.37
N ARG A 14 13.95 -17.29 -14.54
CA ARG A 14 14.74 -18.37 -15.09
C ARG A 14 15.23 -19.37 -14.04
N LEU A 15 15.03 -19.03 -12.77
CA LEU A 15 15.56 -19.85 -11.71
C LEU A 15 14.85 -21.20 -11.52
N PRO A 16 13.51 -21.19 -11.55
CA PRO A 16 12.81 -22.45 -11.35
C PRO A 16 13.13 -23.36 -12.51
N ARG A 17 13.51 -22.77 -13.64
CA ARG A 17 13.87 -23.54 -14.82
C ARG A 17 15.18 -24.26 -14.60
N TYR A 18 16.21 -23.57 -14.12
CA TYR A 18 17.44 -24.24 -13.76
C TYR A 18 17.10 -25.29 -12.76
N HIS A 19 16.39 -24.92 -11.70
CA HIS A 19 16.02 -25.89 -10.67
C HIS A 19 15.49 -27.16 -11.30
N ARG A 20 14.65 -27.01 -12.31
CA ARG A 20 13.97 -28.12 -12.96
C ARG A 20 14.95 -29.07 -13.67
N TYR A 21 15.81 -28.53 -14.55
CA TYR A 21 16.82 -29.28 -15.28
C TYR A 21 17.83 -29.90 -14.35
N LEU A 22 18.24 -29.15 -13.33
CA LEU A 22 19.26 -29.63 -12.41
C LEU A 22 18.78 -30.87 -11.72
N GLU A 23 17.48 -30.97 -11.51
CA GLU A 23 16.97 -32.09 -10.78
C GLU A 23 16.88 -33.29 -11.67
N GLU A 24 16.78 -33.08 -12.99
CA GLU A 24 16.76 -34.17 -13.96
C GLU A 24 18.13 -34.79 -13.89
N LEU A 25 19.16 -33.97 -13.86
CA LEU A 25 20.52 -34.45 -13.85
C LEU A 25 20.76 -35.16 -12.55
N LEU A 26 20.43 -34.55 -11.43
CA LEU A 26 20.55 -35.22 -10.15
C LEU A 26 19.85 -36.59 -10.17
N LYS A 27 18.65 -36.64 -10.72
CA LYS A 27 17.81 -37.82 -10.72
C LYS A 27 18.51 -38.91 -11.52
N ASN A 28 19.31 -38.52 -12.50
CA ASN A 28 19.99 -39.46 -13.39
C ASN A 28 21.43 -39.75 -12.96
N ASP A 29 21.80 -39.36 -11.76
CA ASP A 29 23.12 -39.67 -11.19
C ASP A 29 24.26 -39.06 -11.91
N VAL A 30 23.99 -38.07 -12.74
CA VAL A 30 25.03 -37.24 -13.33
C VAL A 30 25.72 -36.45 -12.23
N LYS A 31 27.04 -36.62 -12.14
CA LYS A 31 27.78 -36.19 -10.97
C LYS A 31 28.06 -34.68 -11.04
N ARG A 32 28.44 -34.19 -12.22
CA ARG A 32 28.66 -32.75 -12.45
C ARG A 32 28.44 -32.30 -13.88
N ILE A 33 28.25 -31.00 -14.06
CA ILE A 33 28.01 -30.44 -15.38
C ILE A 33 28.66 -29.08 -15.42
N SER A 34 29.05 -28.65 -16.60
CA SER A 34 29.59 -27.34 -16.79
C SER A 34 28.56 -26.46 -17.48
N SER A 35 28.66 -25.18 -17.26
CA SER A 35 27.78 -24.25 -17.95
C SER A 35 27.89 -24.48 -19.43
N ARG A 36 29.09 -24.86 -19.85
CA ARG A 36 29.29 -25.32 -21.20
C ARG A 36 28.13 -26.24 -21.63
N GLU A 37 28.00 -27.37 -20.95
CA GLU A 37 27.08 -28.40 -21.37
C GLU A 37 25.67 -28.03 -21.06
N LEU A 38 25.47 -27.27 -20.00
CA LEU A 38 24.13 -26.93 -19.56
C LEU A 38 23.41 -26.04 -20.54
N SER A 39 24.07 -24.99 -21.00
CA SER A 39 23.48 -24.06 -21.94
C SER A 39 23.20 -24.79 -23.21
N GLU A 40 24.09 -25.73 -23.53
CA GLU A 40 23.86 -26.68 -24.60
C GLU A 40 22.48 -27.30 -24.44
N LYS A 41 22.24 -27.85 -23.26
CA LYS A 41 21.10 -28.73 -22.98
C LYS A 41 19.81 -27.95 -22.82
N MET A 42 19.92 -26.67 -22.47
CA MET A 42 18.78 -25.86 -22.11
C MET A 42 18.49 -24.86 -23.18
N GLY A 43 19.31 -24.87 -24.23
CA GLY A 43 19.27 -23.83 -25.26
C GLY A 43 19.34 -22.41 -24.77
N VAL A 44 20.23 -22.13 -23.83
CA VAL A 44 20.55 -20.76 -23.45
C VAL A 44 22.03 -20.54 -23.68
N THR A 45 22.51 -19.33 -23.43
CA THR A 45 23.91 -19.03 -23.60
C THR A 45 24.68 -19.34 -22.35
N ALA A 46 25.83 -19.98 -22.51
CA ALA A 46 26.63 -20.35 -21.35
C ALA A 46 26.95 -19.14 -20.46
N SER A 47 26.89 -17.93 -21.01
CA SER A 47 27.14 -16.74 -20.18
C SER A 47 26.00 -16.52 -19.23
N GLN A 48 24.79 -16.53 -19.79
CA GLN A 48 23.62 -16.22 -19.02
C GLN A 48 23.65 -17.06 -17.80
N ILE A 49 23.99 -18.33 -17.97
CA ILE A 49 23.91 -19.22 -16.85
C ILE A 49 24.84 -18.75 -15.77
N ARG A 50 26.12 -18.64 -16.11
CA ARG A 50 27.13 -18.20 -15.15
C ARG A 50 26.73 -16.83 -14.63
N GLN A 51 26.15 -16.04 -15.52
CA GLN A 51 25.78 -14.70 -15.21
C GLN A 51 24.74 -14.74 -14.13
N ASP A 52 23.65 -15.46 -14.43
CA ASP A 52 22.48 -15.53 -13.58
C ASP A 52 22.92 -16.04 -12.23
N LEU A 53 23.51 -17.21 -12.23
CA LEU A 53 23.93 -17.78 -10.98
C LEU A 53 24.78 -16.82 -10.12
N ASN A 54 25.67 -16.06 -10.75
CA ASN A 54 26.55 -15.17 -10.00
C ASN A 54 25.84 -13.90 -9.55
N ASN A 55 24.62 -14.11 -9.06
CA ASN A 55 23.91 -13.11 -8.33
C ASN A 55 23.83 -13.61 -6.95
N PHE A 56 24.02 -14.90 -6.79
CA PHE A 56 23.86 -15.54 -5.49
C PHE A 56 25.15 -16.20 -5.09
N GLY A 57 26.21 -15.93 -5.82
CA GLY A 57 27.52 -16.46 -5.47
C GLY A 57 28.09 -17.45 -6.47
N GLY A 58 29.22 -18.05 -6.14
CA GLY A 58 29.83 -18.94 -7.07
C GLY A 58 29.57 -20.34 -6.59
N PHE A 59 28.82 -21.11 -7.37
CA PHE A 59 28.60 -22.49 -7.01
C PHE A 59 29.47 -23.32 -7.90
N GLY A 60 30.17 -22.62 -8.78
CA GLY A 60 31.01 -23.24 -9.77
C GLY A 60 32.40 -23.42 -9.24
N GLN A 61 33.18 -24.30 -9.88
CA GLN A 61 34.59 -24.53 -9.53
C GLN A 61 35.46 -24.52 -10.78
N GLN A 62 36.33 -23.54 -10.92
CA GLN A 62 37.12 -23.42 -12.12
C GLN A 62 37.68 -24.79 -12.47
N GLY A 63 37.75 -25.08 -13.76
CA GLY A 63 38.32 -26.32 -14.24
C GLY A 63 37.38 -27.49 -14.09
N TYR A 64 36.46 -27.38 -13.15
CA TYR A 64 35.51 -28.44 -12.84
C TYR A 64 34.11 -28.27 -13.49
N GLY A 65 33.49 -27.09 -13.35
CA GLY A 65 32.07 -26.93 -13.67
C GLY A 65 31.29 -26.86 -12.37
N TYR A 66 30.06 -27.37 -12.34
CA TYR A 66 29.23 -27.24 -11.16
C TYR A 66 28.89 -28.59 -10.62
N ASN A 67 29.01 -28.78 -9.32
CA ASN A 67 28.58 -30.04 -8.76
C ASN A 67 27.08 -30.09 -8.76
N VAL A 68 26.49 -31.00 -9.54
CA VAL A 68 25.03 -31.05 -9.68
C VAL A 68 24.34 -31.07 -8.34
N GLU A 69 24.67 -32.01 -7.48
CA GLU A 69 23.95 -32.11 -6.23
C GLU A 69 24.00 -30.82 -5.43
N GLU A 70 25.17 -30.20 -5.38
CA GLU A 70 25.35 -29.03 -4.55
C GLU A 70 24.63 -27.80 -5.12
N LEU A 71 24.70 -27.60 -6.44
CA LEU A 71 23.99 -26.53 -7.12
C LEU A 71 22.49 -26.69 -7.03
N TYR A 72 22.01 -27.89 -7.27
CA TYR A 72 20.60 -28.15 -7.13
C TYR A 72 20.21 -27.70 -5.75
N ASN A 73 20.76 -28.36 -4.73
CA ASN A 73 20.41 -28.04 -3.35
C ASN A 73 20.47 -26.57 -3.02
N ASN A 74 21.22 -25.83 -3.80
CA ASN A 74 21.35 -24.40 -3.60
C ASN A 74 20.23 -23.63 -4.27
N LEU A 75 19.89 -24.01 -5.50
CA LEU A 75 18.72 -23.43 -6.11
C LEU A 75 17.50 -23.69 -5.24
N THR A 76 17.37 -24.88 -4.70
CA THR A 76 16.30 -25.15 -3.78
C THR A 76 16.23 -24.07 -2.73
N LYS A 77 17.35 -23.77 -2.11
CA LYS A 77 17.36 -22.76 -1.06
C LYS A 77 17.07 -21.36 -1.63
N ILE A 78 17.58 -21.08 -2.82
CA ILE A 78 17.36 -19.77 -3.38
C ILE A 78 15.89 -19.52 -3.64
N LEU A 79 15.21 -20.48 -4.30
CA LEU A 79 13.77 -20.44 -4.59
C LEU A 79 12.90 -20.54 -3.34
N GLY A 80 13.55 -20.88 -2.23
CA GLY A 80 12.92 -20.77 -0.93
C GLY A 80 12.16 -22.04 -0.66
N LEU A 81 12.56 -23.11 -1.32
CA LEU A 81 11.75 -24.32 -1.29
C LEU A 81 12.28 -25.27 -0.27
N ASP A 82 13.10 -24.73 0.64
CA ASP A 82 13.56 -25.49 1.78
C ASP A 82 12.65 -25.16 2.94
N LYS A 83 11.84 -24.12 2.77
CA LYS A 83 10.85 -23.77 3.77
C LYS A 83 9.49 -24.33 3.41
N THR A 84 8.52 -23.82 4.13
CA THR A 84 7.17 -24.33 4.07
C THR A 84 6.22 -23.15 3.90
N TYR A 85 5.12 -23.35 3.15
CA TYR A 85 4.16 -22.28 2.88
C TYR A 85 2.74 -22.73 3.07
N ASN A 86 2.01 -22.07 3.94
CA ASN A 86 0.64 -22.45 4.11
C ASN A 86 -0.15 -21.74 3.07
N THR A 87 -0.99 -22.47 2.35
CA THR A 87 -1.80 -21.84 1.28
C THR A 87 -3.30 -22.01 1.48
N ILE A 88 -4.07 -21.10 0.94
CA ILE A 88 -5.50 -21.36 0.79
C ILE A 88 -5.97 -21.08 -0.63
N ILE A 89 -7.07 -21.70 -0.99
CA ILE A 89 -7.74 -21.41 -2.24
C ILE A 89 -9.10 -20.67 -2.02
N ILE A 90 -9.32 -19.58 -2.74
CA ILE A 90 -10.61 -18.97 -2.67
C ILE A 90 -11.29 -19.25 -3.99
N GLY A 91 -12.46 -19.87 -3.90
CA GLY A 91 -13.25 -20.28 -5.06
C GLY A 91 -13.08 -21.76 -5.36
N ALA A 92 -13.93 -22.57 -4.72
CA ALA A 92 -13.98 -24.01 -4.96
C ALA A 92 -14.69 -24.35 -6.28
N GLY A 93 -14.32 -23.66 -7.34
CA GLY A 93 -14.85 -23.94 -8.66
C GLY A 93 -14.18 -25.08 -9.40
N ASN A 94 -14.30 -25.05 -10.72
CA ASN A 94 -13.58 -25.98 -11.54
C ASN A 94 -12.09 -25.84 -11.26
N LEU A 95 -11.55 -24.68 -11.63
CA LEU A 95 -10.13 -24.39 -11.52
C LEU A 95 -9.78 -24.56 -10.07
N GLY A 96 -10.56 -23.90 -9.22
CA GLY A 96 -10.47 -24.09 -7.77
C GLY A 96 -10.08 -25.51 -7.40
N GLN A 97 -10.98 -26.43 -7.67
CA GLN A 97 -10.82 -27.83 -7.29
C GLN A 97 -9.68 -28.54 -8.00
N ALA A 98 -9.45 -28.22 -9.27
CA ALA A 98 -8.36 -28.86 -9.97
C ALA A 98 -7.06 -28.49 -9.30
N ILE A 99 -6.95 -27.23 -8.85
CA ILE A 99 -5.73 -26.82 -8.15
C ILE A 99 -5.66 -27.48 -6.79
N ALA A 100 -6.82 -27.64 -6.15
CA ALA A 100 -6.93 -28.24 -4.82
C ALA A 100 -6.53 -29.68 -4.82
N ASN A 101 -6.87 -30.37 -5.90
CA ASN A 101 -6.53 -31.79 -6.03
C ASN A 101 -5.06 -32.09 -6.34
N TYR A 102 -4.34 -31.11 -6.90
CA TYR A 102 -3.04 -31.35 -7.51
C TYR A 102 -2.02 -31.37 -6.38
N THR A 103 -1.21 -32.42 -6.28
CA THR A 103 -0.45 -32.60 -5.06
C THR A 103 1.02 -32.33 -5.17
N SER A 104 1.48 -32.18 -6.42
CA SER A 104 2.90 -31.88 -6.74
C SER A 104 3.46 -30.67 -5.98
N PHE A 105 2.58 -29.71 -5.83
CA PHE A 105 2.93 -28.54 -5.10
C PHE A 105 3.38 -28.85 -3.69
N GLU A 106 2.66 -29.76 -3.06
CA GLU A 106 2.97 -30.18 -1.69
C GLU A 106 4.43 -30.57 -1.53
N LYS A 107 4.88 -31.47 -2.41
CA LYS A 107 6.26 -31.98 -2.38
C LYS A 107 7.27 -30.87 -2.16
N SER A 108 6.94 -29.68 -2.69
CA SER A 108 7.89 -28.59 -2.78
C SER A 108 7.72 -27.55 -1.65
N GLY A 109 6.72 -27.77 -0.79
CA GLY A 109 6.62 -27.04 0.48
C GLY A 109 5.28 -26.33 0.73
N PHE A 110 4.39 -26.45 -0.24
CA PHE A 110 3.20 -25.64 -0.25
C PHE A 110 2.04 -26.44 0.25
N ASN A 111 1.53 -26.13 1.42
CA ASN A 111 0.46 -26.96 1.95
C ASN A 111 -0.88 -26.29 2.00
N LEU A 112 -1.85 -26.93 1.36
CA LEU A 112 -3.18 -26.45 1.31
C LEU A 112 -3.76 -26.61 2.70
N LYS A 113 -4.06 -25.48 3.32
CA LYS A 113 -4.67 -25.42 4.64
C LYS A 113 -6.17 -25.16 4.59
N GLY A 114 -6.68 -24.56 3.50
CA GLY A 114 -8.11 -24.24 3.43
C GLY A 114 -8.65 -23.77 2.10
N ILE A 115 -9.93 -24.06 1.89
CA ILE A 115 -10.62 -23.73 0.65
C ILE A 115 -11.89 -23.01 1.03
N PHE A 116 -12.30 -22.05 0.22
CA PHE A 116 -13.33 -21.11 0.64
C PHE A 116 -14.19 -20.78 -0.52
N ASP A 117 -15.48 -20.60 -0.27
CA ASP A 117 -16.46 -20.25 -1.31
C ASP A 117 -17.65 -19.47 -0.71
N ILE A 118 -18.41 -18.73 -1.53
CA ILE A 118 -19.66 -18.10 -1.03
C ILE A 118 -20.82 -19.06 -1.08
N ASN A 119 -20.82 -19.98 -2.03
CA ASN A 119 -22.03 -20.74 -2.27
C ASN A 119 -22.11 -21.81 -1.17
N PRO A 120 -23.06 -21.67 -0.21
CA PRO A 120 -23.19 -22.55 0.95
C PRO A 120 -23.45 -24.03 0.66
N ARG A 121 -23.91 -24.38 -0.54
CA ARG A 121 -24.02 -25.80 -0.86
C ARG A 121 -22.70 -26.46 -0.53
N LEU A 122 -21.61 -25.74 -0.79
CA LEU A 122 -20.26 -26.29 -0.83
C LEU A 122 -19.65 -26.36 0.56
N PHE A 123 -20.27 -25.67 1.51
CA PHE A 123 -19.70 -25.58 2.83
C PHE A 123 -19.64 -26.98 3.44
N GLY A 124 -18.54 -27.31 4.09
CA GLY A 124 -18.41 -28.68 4.53
C GLY A 124 -17.80 -29.68 3.56
N LEU A 125 -18.24 -29.72 2.31
CA LEU A 125 -17.64 -30.58 1.28
C LEU A 125 -16.12 -30.68 1.42
N LYS A 126 -15.58 -31.90 1.33
CA LYS A 126 -14.15 -32.10 1.51
C LYS A 126 -13.40 -32.49 0.23
N ILE A 127 -12.38 -31.73 -0.12
CA ILE A 127 -11.56 -32.08 -1.26
C ILE A 127 -10.22 -32.45 -0.73
N ARG A 128 -9.74 -33.63 -1.09
CA ARG A 128 -8.44 -34.10 -0.65
C ARG A 128 -8.27 -33.84 0.85
N ASP A 129 -9.38 -33.99 1.59
CA ASP A 129 -9.36 -33.88 3.04
C ASP A 129 -9.14 -32.49 3.64
N VAL A 130 -9.35 -31.46 2.85
CA VAL A 130 -9.40 -30.10 3.34
C VAL A 130 -10.83 -29.68 3.17
N GLU A 131 -11.49 -29.24 4.21
CA GLU A 131 -12.88 -28.91 3.97
C GLU A 131 -13.13 -27.49 3.48
N VAL A 132 -14.11 -27.35 2.60
CA VAL A 132 -14.52 -26.06 2.03
C VAL A 132 -15.32 -25.27 3.07
N MET A 133 -14.91 -24.03 3.33
CA MET A 133 -15.54 -23.18 4.35
C MET A 133 -16.03 -21.82 3.82
N ASP A 134 -17.02 -21.25 4.52
CA ASP A 134 -17.57 -19.93 4.21
C ASP A 134 -16.48 -18.88 4.05
N VAL A 135 -16.43 -18.22 2.91
CA VAL A 135 -15.39 -17.23 2.65
C VAL A 135 -15.51 -16.02 3.57
N GLU A 136 -16.59 -15.96 4.36
CA GLU A 136 -16.73 -14.88 5.34
C GLU A 136 -15.71 -15.06 6.39
N THR A 137 -15.44 -16.30 6.75
CA THR A 137 -14.60 -16.54 7.87
C THR A 137 -13.15 -16.46 7.44
N VAL A 138 -12.88 -16.12 6.18
CA VAL A 138 -11.51 -16.23 5.67
C VAL A 138 -10.61 -15.27 6.38
N GLU A 139 -11.09 -14.07 6.60
CA GLU A 139 -10.22 -13.01 7.08
C GLU A 139 -9.66 -13.47 8.40
N ASP A 140 -10.52 -14.14 9.16
CA ASP A 140 -10.15 -14.60 10.47
C ASP A 140 -9.25 -15.84 10.40
N PHE A 141 -9.68 -16.86 9.67
CA PHE A 141 -8.87 -18.07 9.42
C PHE A 141 -7.43 -17.81 8.95
N ILE A 142 -7.25 -16.84 8.07
CA ILE A 142 -5.94 -16.42 7.62
C ILE A 142 -5.10 -16.03 8.81
N ALA A 143 -5.65 -15.19 9.66
CA ALA A 143 -4.93 -14.68 10.80
C ALA A 143 -4.62 -15.83 11.76
N ARG A 144 -5.57 -16.71 12.04
CA ARG A 144 -5.30 -17.76 12.99
C ARG A 144 -4.26 -18.76 12.48
N ASN A 145 -4.20 -18.99 11.19
CA ASN A 145 -3.41 -20.09 10.66
C ASN A 145 -2.15 -19.69 9.91
N LYS A 146 -1.73 -18.44 10.10
CA LYS A 146 -0.57 -17.90 9.42
C LYS A 146 -0.61 -18.34 7.99
N ILE A 147 -1.57 -17.87 7.23
CA ILE A 147 -1.64 -18.23 5.82
C ILE A 147 -0.74 -17.32 4.93
N ASP A 148 0.16 -17.95 4.19
CA ASP A 148 1.16 -17.22 3.42
C ASP A 148 0.67 -16.85 2.04
N ILE A 149 0.12 -17.83 1.33
CA ILE A 149 -0.33 -17.59 -0.02
C ILE A 149 -1.81 -17.84 -0.18
N GLY A 150 -2.48 -16.89 -0.84
CA GLY A 150 -3.87 -17.07 -1.20
C GLY A 150 -3.99 -17.29 -2.69
N ILE A 151 -4.55 -18.43 -3.06
CA ILE A 151 -4.81 -18.74 -4.44
C ILE A 151 -6.21 -18.30 -4.86
N LEU A 152 -6.28 -17.39 -5.84
CA LEU A 152 -7.54 -16.80 -6.23
C LEU A 152 -8.19 -17.46 -7.44
N CYS A 153 -9.33 -18.14 -7.23
CA CYS A 153 -10.09 -18.78 -8.33
C CYS A 153 -11.57 -18.50 -8.32
N ILE A 154 -11.93 -17.27 -8.02
CA ILE A 154 -13.31 -16.82 -8.01
C ILE A 154 -13.57 -15.98 -9.27
N PRO A 155 -14.85 -15.75 -9.62
CA PRO A 155 -15.12 -14.98 -10.84
C PRO A 155 -14.63 -13.55 -10.71
N LYS A 156 -14.25 -12.98 -11.84
CA LYS A 156 -13.51 -11.73 -11.85
C LYS A 156 -14.33 -10.63 -11.26
N ASP A 157 -15.62 -10.68 -11.50
CA ASP A 157 -16.54 -9.62 -11.06
C ASP A 157 -16.39 -9.20 -9.60
N ASN A 158 -16.16 -7.92 -9.34
CA ASN A 158 -16.10 -7.44 -7.96
C ASN A 158 -15.15 -8.25 -7.05
N ALA A 159 -14.12 -8.80 -7.66
CA ALA A 159 -13.24 -9.66 -6.92
C ALA A 159 -12.25 -8.84 -6.12
N GLN A 160 -11.95 -7.62 -6.58
CA GLN A 160 -10.96 -6.77 -5.86
C GLN A 160 -11.33 -6.55 -4.39
N TYR A 161 -12.63 -6.43 -4.14
CA TYR A 161 -13.18 -6.49 -2.80
C TYR A 161 -12.61 -7.69 -1.98
N THR A 162 -12.74 -8.90 -2.54
CA THR A 162 -12.28 -10.13 -1.88
C THR A 162 -10.76 -10.12 -1.73
N ALA A 163 -10.07 -9.65 -2.76
CA ALA A 163 -8.63 -9.51 -2.72
C ALA A 163 -8.24 -8.69 -1.51
N ASP A 164 -8.90 -7.54 -1.35
CA ASP A 164 -8.70 -6.68 -0.18
C ASP A 164 -8.84 -7.45 1.15
N ARG A 165 -9.95 -8.15 1.33
CA ARG A 165 -10.17 -8.85 2.58
C ARG A 165 -9.03 -9.76 2.87
N LEU A 166 -8.57 -10.46 1.86
CA LEU A 166 -7.34 -11.20 2.03
C LEU A 166 -6.18 -10.32 2.55
N VAL A 167 -5.84 -9.26 1.83
CA VAL A 167 -4.67 -8.43 2.17
C VAL A 167 -4.80 -7.88 3.57
N ARG A 168 -5.95 -7.29 3.82
CA ARG A 168 -6.32 -6.77 5.13
C ARG A 168 -5.98 -7.73 6.26
N ALA A 169 -6.12 -9.03 6.02
CA ALA A 169 -6.05 -10.02 7.09
C ALA A 169 -4.62 -10.50 7.25
N GLY A 170 -3.73 -9.93 6.43
CA GLY A 170 -2.30 -10.20 6.54
C GLY A 170 -1.72 -11.28 5.64
N ILE A 171 -2.37 -11.52 4.50
CA ILE A 171 -1.89 -12.48 3.51
C ILE A 171 -0.64 -11.94 2.89
N LYS A 172 0.30 -12.83 2.62
CA LYS A 172 1.65 -12.40 2.27
C LYS A 172 1.85 -12.28 0.77
N ALA A 173 1.13 -13.13 0.03
CA ALA A 173 1.12 -13.07 -1.42
C ALA A 173 -0.17 -13.63 -2.03
N ILE A 174 -0.57 -13.10 -3.18
CA ILE A 174 -1.71 -13.67 -3.89
C ILE A 174 -1.28 -14.21 -5.21
N TRP A 175 -1.70 -15.45 -5.46
CA TRP A 175 -1.62 -16.10 -6.76
C TRP A 175 -2.95 -15.95 -7.47
N ASN A 176 -2.92 -15.19 -8.58
CA ASN A 176 -4.13 -14.73 -9.20
C ASN A 176 -4.44 -15.37 -10.53
N PHE A 177 -5.53 -16.11 -10.59
CA PHE A 177 -5.90 -16.78 -11.81
C PHE A 177 -6.96 -16.05 -12.63
N LEU A 178 -7.56 -15.01 -12.05
CA LEU A 178 -8.60 -14.23 -12.74
C LEU A 178 -7.93 -13.32 -13.72
N PRO A 179 -8.68 -12.90 -14.77
CA PRO A 179 -8.25 -12.06 -15.87
C PRO A 179 -8.40 -10.53 -15.61
N ILE A 180 -7.92 -10.08 -14.46
CA ILE A 180 -8.08 -8.72 -13.96
C ILE A 180 -6.72 -8.38 -13.36
N ASP A 181 -6.28 -7.13 -13.44
CA ASP A 181 -5.08 -6.78 -12.68
C ASP A 181 -5.58 -6.33 -11.33
N LEU A 182 -5.15 -6.96 -10.25
CA LEU A 182 -5.59 -6.58 -8.92
C LEU A 182 -4.71 -5.49 -8.35
N LYS A 183 -5.22 -4.80 -7.34
CA LYS A 183 -4.44 -3.81 -6.63
C LYS A 183 -4.09 -4.31 -5.24
N VAL A 184 -2.79 -4.44 -4.98
CA VAL A 184 -2.26 -4.79 -3.67
C VAL A 184 -1.20 -3.83 -3.16
N PRO A 185 -1.11 -3.73 -1.84
CA PRO A 185 -0.05 -3.07 -1.12
C PRO A 185 1.36 -3.46 -1.61
N ASP A 186 2.34 -2.62 -1.30
CA ASP A 186 3.74 -2.88 -1.66
C ASP A 186 4.30 -4.11 -1.01
N ASP A 187 3.91 -4.37 0.22
CA ASP A 187 4.42 -5.56 0.90
C ASP A 187 3.66 -6.85 0.58
N VAL A 188 2.82 -6.84 -0.46
CA VAL A 188 2.19 -8.09 -0.91
C VAL A 188 2.65 -8.52 -2.32
N ILE A 189 3.06 -9.77 -2.44
CA ILE A 189 3.51 -10.30 -3.71
C ILE A 189 2.26 -10.67 -4.51
N LEU A 190 2.04 -9.99 -5.62
CA LEU A 190 1.00 -10.44 -6.54
C LEU A 190 1.60 -11.20 -7.70
N GLU A 191 1.17 -12.45 -7.86
CA GLU A 191 1.54 -13.21 -9.04
C GLU A 191 0.36 -13.44 -9.89
N ASN A 192 0.39 -12.81 -11.05
CA ASN A 192 -0.64 -13.03 -12.02
C ASN A 192 -0.40 -14.23 -12.93
N VAL A 193 -1.46 -14.99 -13.25
CA VAL A 193 -1.29 -16.07 -14.21
C VAL A 193 -1.76 -15.57 -15.58
N HIS A 194 -3.06 -15.39 -15.74
CA HIS A 194 -3.57 -14.79 -16.99
C HIS A 194 -3.50 -15.77 -18.13
N LEU A 195 -4.31 -16.84 -18.06
CA LEU A 195 -4.30 -17.79 -19.15
C LEU A 195 -4.98 -17.05 -20.25
N SER A 196 -6.04 -16.36 -19.84
CA SER A 196 -6.93 -15.60 -20.73
C SER A 196 -6.04 -14.91 -21.79
N ASP A 197 -4.84 -14.47 -21.36
CA ASP A 197 -3.88 -13.71 -22.21
C ASP A 197 -2.92 -14.62 -22.93
N SER A 198 -2.08 -15.31 -22.19
CA SER A 198 -1.20 -16.32 -22.77
C SER A 198 -1.77 -17.02 -24.03
N LEU A 199 -3.01 -17.52 -23.91
CA LEU A 199 -3.71 -18.08 -25.07
C LEU A 199 -3.69 -17.12 -26.28
N PHE A 200 -4.05 -15.86 -26.05
CA PHE A 200 -4.12 -14.87 -27.14
C PHE A 200 -2.79 -14.64 -27.86
N THR A 201 -1.69 -14.82 -27.19
CA THR A 201 -0.40 -14.71 -27.84
C THR A 201 -0.23 -15.85 -28.82
N VAL A 202 -1.04 -16.89 -28.67
CA VAL A 202 -1.04 -17.99 -29.64
C VAL A 202 -1.89 -17.65 -30.84
N SER A 203 -3.12 -17.21 -30.61
CA SER A 203 -3.92 -16.77 -31.73
C SER A 203 -3.14 -15.66 -32.41
N TYR A 204 -2.45 -14.85 -31.63
CA TYR A 204 -1.70 -13.76 -32.23
C TYR A 204 -0.57 -14.26 -33.08
N ARG A 205 0.19 -15.21 -32.59
CA ARG A 205 1.31 -15.68 -33.35
C ARG A 205 0.90 -16.37 -34.63
N LEU A 206 -0.26 -17.02 -34.61
CA LEU A 206 -0.77 -17.78 -35.74
C LEU A 206 -1.13 -16.84 -36.87
N ASN A 207 -1.82 -15.77 -36.53
CA ASN A 207 -2.14 -14.75 -37.51
C ASN A 207 -1.05 -13.76 -37.88
N GLU A 208 0.02 -13.67 -37.09
CA GLU A 208 0.92 -12.55 -37.26
C GLU A 208 1.47 -12.50 -38.65
N GLU A 209 1.92 -13.64 -39.16
CA GLU A 209 2.71 -13.60 -40.38
C GLU A 209 1.89 -13.13 -41.58
N GLU A 210 0.59 -13.41 -41.55
CA GLU A 210 -0.38 -12.94 -42.53
C GLU A 210 -0.87 -11.51 -42.26
N LEU A 211 -0.66 -11.01 -41.04
CA LEU A 211 -1.14 -9.70 -40.62
C LEU A 211 -0.19 -8.60 -41.08
N PHE A 212 0.94 -9.00 -41.67
CA PHE A 212 1.93 -8.06 -42.16
C PHE A 212 2.02 -8.11 -43.67
N LYS A 213 1.25 -9.01 -44.26
CA LYS A 213 0.87 -8.87 -45.66
C LYS A 213 -0.37 -7.99 -45.73
N LYS A 214 -1.19 -8.04 -44.69
CA LYS A 214 -2.38 -7.19 -44.60
C LYS A 214 -1.99 -5.72 -44.34
N LEU A 215 -0.80 -5.51 -43.78
CA LEU A 215 -0.36 -4.16 -43.46
C LEU A 215 0.85 -3.71 -44.30
N LYS A 216 1.65 -4.65 -44.78
CA LYS A 216 2.69 -4.33 -45.76
C LYS A 216 2.13 -4.27 -47.18
N GLY A 217 0.84 -4.59 -47.33
CA GLY A 217 0.08 -4.31 -48.56
C GLY A 217 -0.80 -3.10 -48.34
N GLU A 218 -0.18 -2.04 -47.80
CA GLU A 218 -0.88 -0.82 -47.38
C GLU A 218 -0.07 0.43 -47.74
N THR A 219 1.23 0.25 -48.02
CA THR A 219 2.12 1.35 -48.46
C THR A 219 2.33 1.36 -49.99
N ALA A 220 3.14 0.42 -50.49
CA ALA A 220 3.48 0.36 -51.90
C ALA A 220 3.03 -0.96 -52.52
N LYS B 4 11.29 -17.35 -34.07
CA LYS B 4 11.48 -15.89 -33.90
C LYS B 4 10.41 -15.13 -34.68
N THR B 5 9.75 -14.21 -33.99
CA THR B 5 8.59 -13.50 -34.54
C THR B 5 8.91 -12.09 -35.02
N ILE B 6 8.06 -11.57 -35.90
CA ILE B 6 8.27 -10.23 -36.44
C ILE B 6 8.36 -9.10 -35.39
N VAL B 7 7.33 -8.97 -34.55
CA VAL B 7 7.36 -8.00 -33.46
C VAL B 7 8.07 -8.59 -32.26
N SER B 8 8.76 -7.75 -31.50
CA SER B 8 9.38 -8.21 -30.26
C SER B 8 8.36 -8.77 -29.30
N MET B 9 8.72 -9.87 -28.67
CA MET B 9 7.77 -10.61 -27.84
C MET B 9 7.30 -9.80 -26.66
N ALA B 10 8.22 -9.06 -26.06
CA ALA B 10 7.91 -8.23 -24.90
C ALA B 10 6.65 -7.43 -25.17
N VAL B 11 6.56 -6.91 -26.39
CA VAL B 11 5.40 -6.17 -26.84
C VAL B 11 4.17 -7.06 -26.94
N ILE B 12 4.35 -8.20 -27.61
CA ILE B 12 3.23 -9.06 -27.99
C ILE B 12 2.46 -9.45 -26.75
N ARG B 13 3.18 -9.67 -25.66
CA ARG B 13 2.59 -10.12 -24.41
C ARG B 13 1.82 -8.99 -23.71
N ARG B 14 2.06 -7.75 -24.13
CA ARG B 14 1.31 -6.65 -23.55
C ARG B 14 0.02 -6.40 -24.31
N LEU B 15 -0.10 -6.96 -25.51
CA LEU B 15 -1.26 -6.70 -26.38
C LEU B 15 -2.57 -7.20 -25.80
N PRO B 16 -2.60 -8.46 -25.32
CA PRO B 16 -3.82 -8.93 -24.65
C PRO B 16 -4.22 -8.01 -23.50
N ARG B 17 -3.23 -7.49 -22.80
CA ARG B 17 -3.46 -6.51 -21.75
C ARG B 17 -4.19 -5.24 -22.21
N TYR B 18 -3.71 -4.61 -23.30
CA TYR B 18 -4.37 -3.43 -23.83
C TYR B 18 -5.75 -3.84 -24.18
N HIS B 19 -5.86 -4.97 -24.87
CA HIS B 19 -7.15 -5.44 -25.34
C HIS B 19 -8.13 -5.48 -24.22
N ARG B 20 -7.69 -5.98 -23.07
CA ARG B 20 -8.53 -6.16 -21.90
C ARG B 20 -9.04 -4.80 -21.39
N TYR B 21 -8.12 -3.85 -21.18
CA TYR B 21 -8.45 -2.50 -20.73
C TYR B 21 -9.37 -1.82 -21.70
N LEU B 22 -8.96 -1.76 -22.96
CA LEU B 22 -9.75 -1.11 -23.99
C LEU B 22 -11.19 -1.58 -23.94
N GLU B 23 -11.39 -2.86 -23.67
CA GLU B 23 -12.72 -3.40 -23.66
C GLU B 23 -13.51 -2.96 -22.44
N GLU B 24 -12.82 -2.67 -21.33
CA GLU B 24 -13.46 -2.09 -20.13
C GLU B 24 -14.01 -0.70 -20.45
N LEU B 25 -13.19 0.08 -21.15
CA LEU B 25 -13.57 1.39 -21.62
C LEU B 25 -14.75 1.26 -22.56
N LEU B 26 -14.61 0.46 -23.61
CA LEU B 26 -15.71 0.27 -24.56
C LEU B 26 -16.99 -0.09 -23.85
N LYS B 27 -16.86 -0.84 -22.77
CA LYS B 27 -18.00 -1.37 -22.01
C LYS B 27 -18.68 -0.28 -21.22
N ASN B 28 -17.93 0.75 -20.88
CA ASN B 28 -18.45 1.86 -20.11
C ASN B 28 -18.83 3.06 -20.93
N ASP B 29 -18.91 2.88 -22.25
CA ASP B 29 -19.32 3.95 -23.16
C ASP B 29 -18.37 5.15 -23.23
N VAL B 30 -17.17 5.03 -22.66
CA VAL B 30 -16.10 6.02 -22.87
C VAL B 30 -15.77 6.11 -24.36
N LYS B 31 -15.92 7.31 -24.92
CA LYS B 31 -15.88 7.48 -26.36
C LYS B 31 -14.45 7.44 -26.86
N ARG B 32 -13.53 8.03 -26.09
CA ARG B 32 -12.11 8.05 -26.46
C ARG B 32 -11.18 8.15 -25.27
N ILE B 33 -9.93 7.76 -25.49
CA ILE B 33 -8.87 7.91 -24.49
C ILE B 33 -7.52 8.27 -25.15
N SER B 34 -6.68 8.96 -24.37
CA SER B 34 -5.36 9.36 -24.81
C SER B 34 -4.35 8.49 -24.10
N SER B 35 -3.24 8.25 -24.77
CA SER B 35 -2.16 7.48 -24.18
C SER B 35 -1.79 8.09 -22.84
N ARG B 36 -1.79 9.40 -22.82
CA ARG B 36 -1.84 10.16 -21.58
C ARG B 36 -2.62 9.41 -20.50
N GLU B 37 -3.95 9.33 -20.65
CA GLU B 37 -4.81 8.80 -19.60
C GLU B 37 -4.70 7.30 -19.47
N LEU B 38 -4.28 6.64 -20.53
CA LEU B 38 -4.25 5.20 -20.53
C LEU B 38 -3.10 4.73 -19.68
N SER B 39 -1.91 5.26 -19.92
CA SER B 39 -0.74 4.84 -19.15
C SER B 39 -0.94 5.18 -17.68
N GLU B 40 -1.69 6.25 -17.45
CA GLU B 40 -2.21 6.57 -16.13
C GLU B 40 -2.96 5.37 -15.53
N LYS B 41 -3.92 4.87 -16.29
CA LYS B 41 -4.88 3.91 -15.79
C LYS B 41 -4.24 2.52 -15.68
N MET B 42 -3.14 2.31 -16.41
CA MET B 42 -2.60 0.98 -16.59
C MET B 42 -1.28 0.88 -15.88
N GLY B 43 -0.87 1.98 -15.26
CA GLY B 43 0.46 2.10 -14.71
C GLY B 43 1.56 1.67 -15.66
N VAL B 44 1.53 2.13 -16.90
CA VAL B 44 2.69 2.02 -17.79
C VAL B 44 3.09 3.43 -18.24
N THR B 45 4.13 3.53 -19.04
CA THR B 45 4.54 4.83 -19.54
C THR B 45 3.83 5.13 -20.83
N ALA B 46 3.31 6.35 -20.93
CA ALA B 46 2.62 6.83 -22.14
C ALA B 46 3.41 6.58 -23.44
N SER B 47 4.73 6.50 -23.35
CA SER B 47 5.51 6.26 -24.56
C SER B 47 5.29 4.84 -25.00
N GLN B 48 5.44 3.93 -24.05
CA GLN B 48 5.40 2.51 -24.34
C GLN B 48 4.12 2.20 -25.04
N ILE B 49 3.01 2.77 -24.59
CA ILE B 49 1.75 2.53 -25.27
C ILE B 49 1.82 2.98 -26.71
N ARG B 50 2.16 4.24 -26.92
CA ARG B 50 2.26 4.77 -28.27
C ARG B 50 3.30 3.95 -29.00
N GLN B 51 4.39 3.65 -28.30
CA GLN B 51 5.47 2.90 -28.90
C GLN B 51 5.00 1.56 -29.45
N ASP B 52 4.34 0.81 -28.58
CA ASP B 52 3.92 -0.54 -28.87
C ASP B 52 2.99 -0.51 -30.05
N LEU B 53 1.96 0.32 -29.94
CA LEU B 53 0.92 0.40 -30.95
C LEU B 53 1.46 0.75 -32.32
N ASN B 54 2.45 1.63 -32.37
CA ASN B 54 3.05 1.99 -33.65
C ASN B 54 4.02 0.95 -34.15
N ASN B 55 3.64 -0.31 -33.97
CA ASN B 55 4.25 -1.42 -34.67
C ASN B 55 3.26 -1.87 -35.67
N PHE B 56 2.00 -1.51 -35.44
CA PHE B 56 0.90 -1.97 -36.28
C PHE B 56 0.21 -0.78 -36.91
N GLY B 57 0.78 0.41 -36.75
CA GLY B 57 0.27 1.60 -37.41
C GLY B 57 -0.26 2.64 -36.44
N GLY B 58 -0.78 3.72 -36.99
CA GLY B 58 -1.29 4.80 -36.17
C GLY B 58 -2.79 4.70 -36.05
N PHE B 59 -3.26 4.27 -34.88
CA PHE B 59 -4.69 4.23 -34.61
C PHE B 59 -5.05 5.49 -33.89
N GLY B 60 -4.03 6.30 -33.66
CA GLY B 60 -4.20 7.54 -32.95
C GLY B 60 -4.44 8.71 -33.86
N GLN B 61 -4.93 9.79 -33.27
CA GLN B 61 -5.17 11.03 -33.99
C GLN B 61 -4.65 12.21 -33.17
N GLN B 62 -3.62 12.87 -33.68
CA GLN B 62 -3.02 14.04 -33.04
C GLN B 62 -4.10 14.97 -32.50
N GLY B 63 -3.90 15.45 -31.28
CA GLY B 63 -4.86 16.37 -30.68
C GLY B 63 -6.08 15.67 -30.10
N TYR B 64 -6.38 14.47 -30.61
CA TYR B 64 -7.59 13.75 -30.20
C TYR B 64 -7.32 12.62 -29.19
N GLY B 65 -6.31 11.80 -29.49
CA GLY B 65 -6.08 10.56 -28.77
C GLY B 65 -6.56 9.38 -29.59
N TYR B 66 -7.06 8.35 -28.92
CA TYR B 66 -7.47 7.12 -29.59
C TYR B 66 -8.96 6.91 -29.46
N ASN B 67 -9.63 6.63 -30.56
CA ASN B 67 -11.02 6.27 -30.50
C ASN B 67 -11.12 4.87 -29.93
N VAL B 68 -11.68 4.77 -28.74
CA VAL B 68 -11.75 3.48 -28.04
C VAL B 68 -12.29 2.39 -28.96
N GLU B 69 -13.48 2.57 -29.50
CA GLU B 69 -14.07 1.54 -30.32
C GLU B 69 -13.14 1.09 -31.47
N GLU B 70 -12.52 2.02 -32.16
CA GLU B 70 -11.76 1.65 -33.33
C GLU B 70 -10.44 1.01 -32.97
N LEU B 71 -9.79 1.52 -31.93
CA LEU B 71 -8.59 0.89 -31.39
C LEU B 71 -8.86 -0.51 -30.83
N TYR B 72 -9.85 -0.66 -29.97
CA TYR B 72 -10.25 -1.99 -29.52
C TYR B 72 -10.38 -2.91 -30.71
N ASN B 73 -11.34 -2.64 -31.60
CA ASN B 73 -11.56 -3.48 -32.79
C ASN B 73 -10.31 -3.82 -33.59
N ASN B 74 -9.29 -2.99 -33.49
CA ASN B 74 -8.03 -3.24 -34.17
C ASN B 74 -7.12 -4.18 -33.42
N LEU B 75 -7.12 -4.07 -32.09
CA LEU B 75 -6.41 -5.02 -31.22
C LEU B 75 -6.97 -6.43 -31.41
N THR B 76 -8.29 -6.54 -31.34
CA THR B 76 -9.00 -7.72 -31.79
C THR B 76 -8.37 -8.32 -33.04
N LYS B 77 -8.32 -7.55 -34.12
CA LYS B 77 -7.76 -8.04 -35.37
C LYS B 77 -6.28 -8.43 -35.25
N ILE B 78 -5.53 -7.67 -34.46
CA ILE B 78 -4.11 -7.92 -34.28
C ILE B 78 -3.86 -9.23 -33.54
N LEU B 79 -4.55 -9.40 -32.40
CA LEU B 79 -4.48 -10.62 -31.61
C LEU B 79 -5.12 -11.77 -32.35
N GLY B 80 -5.69 -11.46 -33.50
CA GLY B 80 -6.17 -12.48 -34.39
C GLY B 80 -7.45 -13.10 -33.87
N LEU B 81 -8.17 -12.33 -33.04
CA LEU B 81 -9.40 -12.81 -32.39
C LEU B 81 -10.67 -12.56 -33.21
N ASP B 82 -10.46 -12.30 -34.50
CA ASP B 82 -11.53 -12.10 -35.49
C ASP B 82 -11.70 -13.36 -36.32
N LYS B 83 -10.72 -14.25 -36.25
CA LYS B 83 -10.80 -15.58 -36.87
C LYS B 83 -11.27 -16.63 -35.87
N THR B 84 -11.09 -17.87 -36.25
CA THR B 84 -11.63 -18.95 -35.48
C THR B 84 -10.57 -20.02 -35.33
N TYR B 85 -10.50 -20.60 -34.14
CA TYR B 85 -9.50 -21.63 -33.87
C TYR B 85 -10.12 -22.95 -33.38
N ASN B 86 -9.79 -24.04 -34.07
CA ASN B 86 -10.20 -25.34 -33.58
C ASN B 86 -9.20 -25.86 -32.57
N THR B 87 -9.68 -26.19 -31.37
CA THR B 87 -8.80 -26.66 -30.29
C THR B 87 -9.19 -28.03 -29.84
N ILE B 88 -8.21 -28.83 -29.44
CA ILE B 88 -8.49 -30.05 -28.72
C ILE B 88 -7.75 -30.03 -27.39
N ILE B 89 -8.23 -30.85 -26.43
CA ILE B 89 -7.51 -31.05 -25.16
C ILE B 89 -7.00 -32.49 -25.07
N ILE B 90 -5.72 -32.67 -24.78
CA ILE B 90 -5.23 -34.00 -24.42
C ILE B 90 -5.15 -34.13 -22.90
N GLY B 91 -5.80 -35.16 -22.38
CA GLY B 91 -5.74 -35.44 -20.99
C GLY B 91 -6.99 -34.85 -20.41
N ALA B 92 -8.03 -35.69 -20.25
CA ALA B 92 -9.26 -35.31 -19.55
C ALA B 92 -9.21 -35.47 -18.04
N GLY B 93 -8.12 -35.01 -17.42
CA GLY B 93 -7.99 -35.03 -15.97
C GLY B 93 -8.74 -33.92 -15.24
N ASN B 94 -8.23 -33.54 -14.07
CA ASN B 94 -8.72 -32.37 -13.40
C ASN B 94 -8.57 -31.12 -14.25
N LEU B 95 -7.33 -30.71 -14.49
CA LEU B 95 -7.03 -29.54 -15.30
C LEU B 95 -7.66 -29.62 -16.67
N GLY B 96 -7.46 -30.77 -17.30
CA GLY B 96 -8.13 -31.09 -18.56
C GLY B 96 -9.56 -30.60 -18.57
N GLN B 97 -10.41 -31.18 -17.72
CA GLN B 97 -11.85 -30.88 -17.66
C GLN B 97 -12.13 -29.46 -17.21
N ALA B 98 -11.35 -28.98 -16.26
CA ALA B 98 -11.50 -27.61 -15.83
C ALA B 98 -11.40 -26.69 -17.04
N ILE B 99 -10.39 -26.90 -17.89
CA ILE B 99 -10.19 -26.00 -19.03
C ILE B 99 -11.24 -26.27 -20.07
N ALA B 100 -11.72 -27.51 -20.09
CA ALA B 100 -12.69 -27.92 -21.09
C ALA B 100 -14.06 -27.27 -20.79
N ASN B 101 -14.34 -27.13 -19.51
CA ASN B 101 -15.60 -26.58 -19.05
C ASN B 101 -15.65 -25.06 -19.11
N TYR B 102 -14.53 -24.40 -19.32
CA TYR B 102 -14.48 -22.97 -19.19
C TYR B 102 -14.85 -22.41 -20.54
N THR B 103 -15.86 -21.56 -20.62
CA THR B 103 -16.41 -21.24 -21.92
C THR B 103 -16.04 -19.86 -22.47
N SER B 104 -15.50 -19.00 -21.62
CA SER B 104 -15.05 -17.68 -22.06
C SER B 104 -14.11 -17.71 -23.24
N PHE B 105 -13.39 -18.81 -23.39
CA PHE B 105 -12.42 -18.91 -24.45
C PHE B 105 -13.16 -18.95 -25.78
N GLU B 106 -14.30 -19.62 -25.78
CA GLU B 106 -15.12 -19.72 -26.97
C GLU B 106 -15.48 -18.35 -27.48
N LYS B 107 -16.01 -17.50 -26.59
CA LYS B 107 -16.41 -16.14 -26.94
C LYS B 107 -15.38 -15.47 -27.85
N SER B 108 -14.11 -15.83 -27.68
CA SER B 108 -13.03 -15.07 -28.30
C SER B 108 -12.48 -15.78 -29.56
N GLY B 109 -13.07 -16.91 -29.90
CA GLY B 109 -12.78 -17.57 -31.16
C GLY B 109 -12.36 -19.03 -31.05
N PHE B 110 -12.21 -19.54 -29.83
CA PHE B 110 -11.49 -20.79 -29.67
C PHE B 110 -12.49 -21.87 -29.42
N ASN B 111 -12.61 -22.83 -30.35
CA ASN B 111 -13.67 -23.84 -30.21
C ASN B 111 -13.22 -25.26 -29.94
N LEU B 112 -13.70 -25.78 -28.81
CA LEU B 112 -13.34 -27.11 -28.38
C LEU B 112 -13.99 -28.11 -29.31
N LYS B 113 -13.16 -28.80 -30.09
CA LYS B 113 -13.61 -29.83 -30.99
C LYS B 113 -13.39 -31.25 -30.46
N GLY B 114 -12.51 -31.43 -29.47
CA GLY B 114 -12.33 -32.77 -28.90
C GLY B 114 -11.44 -32.87 -27.68
N ILE B 115 -11.67 -33.94 -26.91
CA ILE B 115 -10.89 -34.20 -25.69
C ILE B 115 -10.46 -35.62 -25.78
N PHE B 116 -9.27 -35.93 -25.27
CA PHE B 116 -8.62 -37.21 -25.52
C PHE B 116 -8.05 -37.79 -24.25
N ASP B 117 -8.08 -39.10 -24.09
CA ASP B 117 -7.45 -39.69 -22.95
C ASP B 117 -6.93 -41.09 -23.33
N ILE B 118 -5.97 -41.65 -22.60
CA ILE B 118 -5.65 -43.06 -22.83
C ILE B 118 -6.58 -43.96 -22.05
N ASN B 119 -7.10 -43.50 -20.92
CA ASN B 119 -7.73 -44.42 -20.00
C ASN B 119 -9.13 -44.65 -20.55
N PRO B 120 -9.46 -45.89 -20.98
CA PRO B 120 -10.69 -46.20 -21.69
C PRO B 120 -11.89 -46.05 -20.80
N ARG B 121 -11.63 -46.06 -19.52
CA ARG B 121 -12.68 -45.81 -18.63
C ARG B 121 -13.33 -44.44 -18.81
N LEU B 122 -12.77 -43.59 -19.69
CA LEU B 122 -13.29 -42.25 -19.97
C LEU B 122 -13.90 -42.15 -21.35
N PHE B 123 -13.57 -43.10 -22.19
CA PHE B 123 -13.98 -43.03 -23.56
C PHE B 123 -15.48 -42.86 -23.57
N GLY B 124 -15.99 -42.05 -24.50
CA GLY B 124 -17.42 -41.83 -24.58
C GLY B 124 -17.94 -40.74 -23.64
N LEU B 125 -17.37 -40.65 -22.44
CA LEU B 125 -17.80 -39.64 -21.46
C LEU B 125 -17.87 -38.24 -22.06
N LYS B 126 -18.95 -37.51 -21.78
CA LYS B 126 -19.18 -36.22 -22.44
C LYS B 126 -19.01 -35.07 -21.50
N ILE B 127 -18.16 -34.13 -21.88
CA ILE B 127 -17.97 -32.91 -21.12
C ILE B 127 -18.45 -31.75 -21.97
N ARG B 128 -19.37 -30.95 -21.42
CA ARG B 128 -19.89 -29.80 -22.15
C ARG B 128 -20.12 -30.18 -23.60
N ASP B 129 -20.67 -31.37 -23.81
CA ASP B 129 -21.10 -31.79 -25.13
C ASP B 129 -20.00 -31.91 -26.22
N VAL B 130 -18.82 -32.33 -25.78
CA VAL B 130 -17.79 -32.87 -26.65
C VAL B 130 -17.57 -34.19 -25.96
N GLU B 131 -17.41 -35.29 -26.70
CA GLU B 131 -17.16 -36.56 -26.00
C GLU B 131 -15.71 -37.05 -26.01
N VAL B 132 -15.30 -37.65 -24.90
CA VAL B 132 -13.89 -37.99 -24.67
C VAL B 132 -13.53 -39.18 -25.53
N MET B 133 -12.47 -39.06 -26.32
CA MET B 133 -12.06 -40.12 -27.22
C MET B 133 -10.65 -40.70 -26.95
N ASP B 134 -10.43 -41.94 -27.37
CA ASP B 134 -9.11 -42.56 -27.30
C ASP B 134 -8.06 -41.70 -27.99
N VAL B 135 -7.00 -41.41 -27.27
CA VAL B 135 -5.92 -40.57 -27.79
C VAL B 135 -5.14 -41.25 -28.90
N GLU B 136 -5.46 -42.54 -29.18
CA GLU B 136 -4.90 -43.24 -30.34
C GLU B 136 -5.36 -42.55 -31.59
N THR B 137 -6.62 -42.15 -31.59
CA THR B 137 -7.24 -41.65 -32.80
C THR B 137 -6.89 -40.20 -33.06
N VAL B 138 -6.20 -39.57 -32.12
CA VAL B 138 -5.92 -38.15 -32.19
C VAL B 138 -5.16 -37.78 -33.44
N GLU B 139 -4.10 -38.50 -33.75
CA GLU B 139 -3.30 -38.14 -34.89
C GLU B 139 -4.22 -37.97 -36.10
N ASP B 140 -5.15 -38.91 -36.20
CA ASP B 140 -6.06 -38.91 -37.31
C ASP B 140 -7.06 -37.73 -37.18
N PHE B 141 -7.76 -37.68 -36.06
CA PHE B 141 -8.76 -36.64 -35.80
C PHE B 141 -8.27 -35.23 -36.03
N ILE B 142 -6.98 -35.01 -35.80
CA ILE B 142 -6.35 -33.70 -35.97
C ILE B 142 -6.38 -33.36 -37.44
N ALA B 143 -5.99 -34.34 -38.24
CA ALA B 143 -5.93 -34.17 -39.69
C ALA B 143 -7.30 -34.03 -40.33
N ARG B 144 -8.30 -34.79 -39.90
CA ARG B 144 -9.64 -34.65 -40.46
C ARG B 144 -10.33 -33.36 -40.06
N ASN B 145 -10.02 -32.82 -38.90
CA ASN B 145 -10.76 -31.69 -38.42
C ASN B 145 -10.00 -30.38 -38.43
N LYS B 146 -8.82 -30.35 -39.06
CA LYS B 146 -8.02 -29.12 -39.16
C LYS B 146 -7.88 -28.53 -37.77
N ILE B 147 -7.24 -29.25 -36.87
CA ILE B 147 -7.15 -28.73 -35.50
C ILE B 147 -5.97 -27.80 -35.36
N ASP B 148 -6.20 -26.63 -34.76
CA ASP B 148 -5.19 -25.58 -34.78
C ASP B 148 -4.28 -25.65 -33.54
N ILE B 149 -4.92 -25.75 -32.38
CA ILE B 149 -4.22 -25.77 -31.12
C ILE B 149 -4.55 -27.04 -30.36
N GLY B 150 -3.51 -27.74 -29.91
CA GLY B 150 -3.72 -28.76 -28.91
C GLY B 150 -3.31 -28.30 -27.51
N ILE B 151 -4.22 -28.44 -26.54
CA ILE B 151 -3.96 -28.10 -25.15
C ILE B 151 -3.56 -29.35 -24.41
N LEU B 152 -2.35 -29.33 -23.87
CA LEU B 152 -1.75 -30.50 -23.24
C LEU B 152 -1.91 -30.56 -21.72
N CYS B 153 -2.71 -31.50 -21.24
CA CYS B 153 -2.91 -31.63 -19.81
C CYS B 153 -2.79 -33.07 -19.36
N ILE B 154 -1.71 -33.71 -19.81
CA ILE B 154 -1.42 -35.10 -19.46
C ILE B 154 -0.26 -35.09 -18.49
N PRO B 155 -0.10 -36.14 -17.69
CA PRO B 155 1.12 -36.20 -16.88
C PRO B 155 2.45 -36.08 -17.70
N LYS B 156 3.48 -35.50 -17.09
CA LYS B 156 4.69 -35.06 -17.77
C LYS B 156 5.46 -36.24 -18.27
N ASP B 157 5.36 -37.33 -17.53
CA ASP B 157 6.10 -38.49 -17.87
C ASP B 157 6.00 -38.91 -19.34
N ASN B 158 7.13 -38.95 -20.02
CA ASN B 158 7.20 -39.45 -21.39
C ASN B 158 6.30 -38.68 -22.33
N ALA B 159 6.04 -37.42 -22.00
CA ALA B 159 5.00 -36.71 -22.73
C ALA B 159 5.48 -36.24 -24.07
N GLN B 160 6.80 -36.10 -24.20
CA GLN B 160 7.31 -35.62 -25.45
C GLN B 160 6.86 -36.52 -26.62
N TYR B 161 6.80 -37.82 -26.35
CA TYR B 161 6.21 -38.78 -27.27
C TYR B 161 4.85 -38.30 -27.82
N THR B 162 3.94 -37.92 -26.89
CA THR B 162 2.58 -37.52 -27.23
C THR B 162 2.63 -36.20 -27.98
N ALA B 163 3.52 -35.33 -27.51
CA ALA B 163 3.77 -34.07 -28.14
C ALA B 163 4.07 -34.30 -29.60
N ASP B 164 5.01 -35.19 -29.88
CA ASP B 164 5.40 -35.51 -31.25
C ASP B 164 4.23 -35.93 -32.10
N ARG B 165 3.48 -36.91 -31.64
CA ARG B 165 2.31 -37.35 -32.33
C ARG B 165 1.45 -36.19 -32.76
N LEU B 166 1.25 -35.24 -31.87
CA LEU B 166 0.48 -34.08 -32.22
C LEU B 166 1.13 -33.32 -33.37
N VAL B 167 2.42 -33.06 -33.27
CA VAL B 167 3.12 -32.25 -34.25
C VAL B 167 3.08 -32.92 -35.58
N ARG B 168 3.41 -34.20 -35.57
CA ARG B 168 3.42 -35.03 -36.76
C ARG B 168 2.11 -34.93 -37.54
N ALA B 169 1.00 -34.83 -36.81
CA ALA B 169 -0.31 -34.86 -37.43
C ALA B 169 -0.69 -33.45 -37.91
N GLY B 170 0.21 -32.50 -37.69
CA GLY B 170 0.11 -31.19 -38.28
C GLY B 170 -0.60 -30.20 -37.40
N ILE B 171 -0.47 -30.35 -36.09
CA ILE B 171 -1.07 -29.37 -35.21
C ILE B 171 -0.25 -28.12 -35.44
N LYS B 172 -0.85 -26.96 -35.25
CA LYS B 172 -0.18 -25.68 -35.59
C LYS B 172 0.49 -25.00 -34.40
N ALA B 173 -0.06 -25.27 -33.22
CA ALA B 173 0.55 -24.87 -31.94
C ALA B 173 0.07 -25.72 -30.75
N ILE B 174 0.94 -25.82 -29.76
CA ILE B 174 0.61 -26.49 -28.52
C ILE B 174 0.62 -25.52 -27.37
N TRP B 175 -0.44 -25.59 -26.57
CA TRP B 175 -0.57 -24.88 -25.28
C TRP B 175 -0.20 -25.84 -24.16
N ASN B 176 0.94 -25.60 -23.52
CA ASN B 176 1.54 -26.58 -22.64
C ASN B 176 1.48 -26.41 -21.11
N PHE B 177 0.70 -27.26 -20.48
CA PHE B 177 0.46 -27.06 -19.06
C PHE B 177 1.38 -27.94 -18.18
N LEU B 178 2.24 -28.75 -18.82
CA LEU B 178 3.10 -29.70 -18.10
C LEU B 178 4.32 -28.93 -17.74
N PRO B 179 4.93 -29.28 -16.61
CA PRO B 179 6.20 -28.74 -16.13
C PRO B 179 7.42 -29.33 -16.85
N ILE B 180 7.43 -29.32 -18.18
CA ILE B 180 8.47 -29.90 -19.00
C ILE B 180 8.68 -28.91 -20.11
N ASP B 181 9.92 -28.74 -20.59
CA ASP B 181 10.09 -27.96 -21.82
C ASP B 181 9.95 -28.92 -22.99
N LEU B 182 9.05 -28.66 -23.93
CA LEU B 182 8.85 -29.60 -25.02
C LEU B 182 9.67 -29.16 -26.21
N LYS B 183 9.98 -30.10 -27.11
CA LYS B 183 10.71 -29.80 -28.32
C LYS B 183 9.77 -29.83 -29.50
N VAL B 184 9.63 -28.71 -30.16
CA VAL B 184 8.80 -28.66 -31.32
C VAL B 184 9.58 -28.05 -32.49
N PRO B 185 9.23 -28.44 -33.74
CA PRO B 185 9.71 -27.90 -34.99
C PRO B 185 9.60 -26.40 -35.00
N ASP B 186 10.27 -25.77 -35.95
CA ASP B 186 10.12 -24.34 -36.16
C ASP B 186 8.75 -23.81 -36.47
N ASP B 187 7.99 -24.52 -37.26
CA ASP B 187 6.69 -24.01 -37.63
C ASP B 187 5.58 -24.37 -36.64
N VAL B 188 5.94 -24.79 -35.44
CA VAL B 188 4.92 -25.00 -34.40
C VAL B 188 5.05 -24.02 -33.23
N ILE B 189 3.99 -23.28 -32.96
CA ILE B 189 3.99 -22.37 -31.84
C ILE B 189 3.79 -23.14 -30.50
N LEU B 190 4.77 -23.02 -29.60
CA LEU B 190 4.71 -23.66 -28.30
C LEU B 190 4.52 -22.60 -27.27
N GLU B 191 3.40 -22.66 -26.59
CA GLU B 191 3.15 -21.77 -25.46
C GLU B 191 3.19 -22.55 -24.20
N ASN B 192 4.15 -22.24 -23.37
CA ASN B 192 4.25 -22.86 -22.09
C ASN B 192 3.45 -22.10 -21.04
N VAL B 193 2.82 -22.81 -20.12
CA VAL B 193 2.25 -22.12 -19.00
C VAL B 193 3.22 -22.25 -17.81
N HIS B 194 3.35 -23.43 -17.22
CA HIS B 194 4.36 -23.59 -16.13
C HIS B 194 3.94 -22.91 -14.87
N LEU B 195 2.81 -23.36 -14.32
CA LEU B 195 2.37 -22.86 -13.03
C LEU B 195 3.38 -23.32 -11.99
N SER B 196 3.90 -24.52 -12.23
CA SER B 196 4.80 -25.21 -11.31
C SER B 196 5.95 -24.26 -11.01
N ASP B 197 6.35 -23.44 -12.03
CA ASP B 197 7.38 -22.35 -11.90
C ASP B 197 6.85 -21.05 -11.36
N SER B 198 5.98 -20.40 -12.09
CA SER B 198 5.38 -19.18 -11.62
C SER B 198 5.15 -19.18 -10.10
N LEU B 199 4.73 -20.30 -9.53
CA LEU B 199 4.46 -20.39 -8.06
C LEU B 199 5.73 -20.14 -7.25
N PHE B 200 6.78 -20.84 -7.66
CA PHE B 200 8.13 -20.65 -7.15
C PHE B 200 8.70 -19.23 -7.16
N THR B 201 8.41 -18.43 -8.16
CA THR B 201 8.75 -17.03 -8.02
C THR B 201 8.05 -16.38 -6.81
N VAL B 202 6.98 -17.01 -6.31
CA VAL B 202 6.33 -16.47 -5.14
C VAL B 202 7.06 -16.92 -3.91
N SER B 203 7.32 -18.20 -3.78
CA SER B 203 8.09 -18.62 -2.63
C SER B 203 9.45 -17.93 -2.66
N TYR B 204 9.96 -17.60 -3.83
CA TYR B 204 11.26 -16.97 -3.93
C TYR B 204 11.23 -15.56 -3.45
N ARG B 205 10.18 -14.86 -3.84
CA ARG B 205 10.03 -13.49 -3.48
C ARG B 205 9.77 -13.37 -1.98
N LEU B 206 9.07 -14.35 -1.40
CA LEU B 206 8.76 -14.31 0.00
C LEU B 206 10.04 -14.41 0.78
N ASN B 207 10.92 -15.29 0.35
CA ASN B 207 12.17 -15.43 1.04
C ASN B 207 13.29 -14.57 0.58
N GLU B 208 13.14 -13.82 -0.50
CA GLU B 208 14.30 -13.07 -1.03
C GLU B 208 14.91 -12.06 -0.11
N GLU B 209 14.07 -11.25 0.54
CA GLU B 209 14.57 -10.13 1.34
C GLU B 209 15.40 -10.63 2.53
N GLU B 210 15.01 -11.75 3.11
CA GLU B 210 15.80 -12.41 4.15
C GLU B 210 16.99 -13.22 3.62
N LEU B 211 17.04 -13.44 2.30
CA LEU B 211 18.05 -14.31 1.72
C LEU B 211 19.30 -13.52 1.43
N PHE B 212 19.22 -12.22 1.63
CA PHE B 212 20.36 -11.38 1.36
C PHE B 212 20.85 -10.77 2.62
N LYS B 213 20.15 -11.07 3.70
CA LYS B 213 20.74 -11.00 5.02
C LYS B 213 21.54 -12.29 5.25
N LYS B 214 21.07 -13.39 4.67
CA LYS B 214 21.77 -14.66 4.81
C LYS B 214 23.06 -14.67 3.98
N LEU B 215 23.15 -13.76 3.01
CA LEU B 215 24.30 -13.72 2.12
C LEU B 215 25.09 -12.43 2.23
N LYS B 216 24.44 -11.35 2.63
CA LYS B 216 25.18 -10.11 2.98
C LYS B 216 25.75 -10.15 4.41
N GLY B 217 25.45 -11.25 5.13
CA GLY B 217 26.11 -11.59 6.39
C GLY B 217 27.07 -12.74 6.13
N GLU B 218 27.89 -12.55 5.09
CA GLU B 218 28.81 -13.57 4.60
C GLU B 218 30.16 -12.95 4.17
N THR B 219 30.19 -11.63 3.98
CA THR B 219 31.43 -10.87 3.68
C THR B 219 32.06 -10.15 4.90
N ALA B 220 31.41 -9.09 5.38
CA ALA B 220 31.89 -8.29 6.52
C ALA B 220 30.86 -8.19 7.65
N LYS C 4 12.61 26.79 29.39
CA LYS C 4 13.77 25.99 28.84
C LYS C 4 14.00 24.70 29.64
N THR C 5 13.95 23.56 28.97
CA THR C 5 14.03 22.25 29.65
C THR C 5 15.41 21.66 29.58
N ILE C 6 15.65 20.68 30.45
CA ILE C 6 16.97 20.07 30.60
C ILE C 6 17.43 19.40 29.31
N VAL C 7 16.68 18.40 28.85
CA VAL C 7 16.95 17.77 27.57
C VAL C 7 16.48 18.67 26.42
N SER C 8 17.16 18.59 25.27
CA SER C 8 16.72 19.29 24.08
C SER C 8 15.34 18.83 23.59
N MET C 9 14.50 19.79 23.23
CA MET C 9 13.11 19.49 22.89
C MET C 9 12.99 18.58 21.69
N ALA C 10 13.84 18.79 20.70
CA ALA C 10 13.86 17.96 19.50
C ALA C 10 13.84 16.48 19.89
N VAL C 11 14.51 16.18 21.00
CA VAL C 11 14.58 14.82 21.53
C VAL C 11 13.28 14.47 22.21
N ILE C 12 12.81 15.35 23.07
CA ILE C 12 11.66 15.06 23.90
C ILE C 12 10.49 14.60 23.09
N ARG C 13 10.32 15.27 21.94
CA ARG C 13 9.19 15.01 21.07
C ARG C 13 9.32 13.68 20.36
N ARG C 14 10.52 13.11 20.34
CA ARG C 14 10.66 11.78 19.76
C ARG C 14 10.38 10.65 20.75
N LEU C 15 10.35 10.99 22.03
CA LEU C 15 10.24 9.98 23.08
C LEU C 15 8.92 9.23 23.00
N PRO C 16 7.78 9.96 22.92
CA PRO C 16 6.47 9.27 22.82
C PRO C 16 6.47 8.33 21.65
N ARG C 17 7.20 8.69 20.61
CA ARG C 17 7.34 7.87 19.41
C ARG C 17 8.01 6.55 19.71
N TYR C 18 9.17 6.60 20.35
CA TYR C 18 9.85 5.38 20.77
C TYR C 18 8.89 4.55 21.62
N HIS C 19 8.29 5.20 22.61
CA HIS C 19 7.37 4.55 23.53
C HIS C 19 6.34 3.77 22.76
N ARG C 20 5.81 4.39 21.70
CA ARG C 20 4.76 3.81 20.87
C ARG C 20 5.22 2.51 20.20
N TYR C 21 6.32 2.60 19.44
CA TYR C 21 6.93 1.44 18.80
C TYR C 21 7.29 0.35 19.80
N LEU C 22 8.03 0.73 20.83
CA LEU C 22 8.50 -0.21 21.83
C LEU C 22 7.33 -1.00 22.35
N GLU C 23 6.15 -0.40 22.33
CA GLU C 23 4.98 -1.06 22.87
C GLU C 23 4.33 -2.02 21.88
N GLU C 24 4.56 -1.77 20.60
CA GLU C 24 4.18 -2.73 19.56
C GLU C 24 4.99 -4.02 19.67
N LEU C 25 6.30 -3.85 19.85
CA LEU C 25 7.20 -4.97 20.02
C LEU C 25 6.85 -5.74 21.30
N LEU C 26 6.79 -5.06 22.45
CA LEU C 26 6.33 -5.71 23.68
C LEU C 26 5.04 -6.51 23.49
N LYS C 27 4.08 -5.91 22.80
CA LYS C 27 2.78 -6.54 22.54
C LYS C 27 2.92 -7.81 21.69
N ASN C 28 3.96 -7.87 20.85
CA ASN C 28 4.18 -9.02 19.99
C ASN C 28 5.19 -10.05 20.53
N ASP C 29 5.53 -9.95 21.81
CA ASP C 29 6.43 -10.91 22.47
C ASP C 29 7.88 -10.93 21.96
N VAL C 30 8.24 -9.94 21.14
CA VAL C 30 9.63 -9.75 20.72
C VAL C 30 10.47 -9.48 21.97
N LYS C 31 11.46 -10.35 22.19
CA LYS C 31 12.21 -10.37 23.43
C LYS C 31 13.20 -9.19 23.48
N ARG C 32 13.85 -8.91 22.34
CA ARG C 32 14.82 -7.82 22.26
C ARG C 32 15.00 -7.25 20.84
N ILE C 33 15.50 -6.02 20.80
CA ILE C 33 15.80 -5.34 19.55
C ILE C 33 17.05 -4.50 19.71
N SER C 34 17.74 -4.31 18.61
CA SER C 34 18.95 -3.51 18.56
C SER C 34 18.62 -2.24 17.84
N SER C 35 19.39 -1.19 18.12
CA SER C 35 19.23 0.12 17.47
C SER C 35 19.39 -0.05 15.98
N ARG C 36 20.26 -0.97 15.64
CA ARG C 36 20.29 -1.53 14.31
C ARG C 36 18.87 -1.65 13.75
N GLU C 37 18.13 -2.62 14.27
CA GLU C 37 16.85 -3.01 13.69
C GLU C 37 15.79 -1.96 13.93
N LEU C 38 15.94 -1.18 15.01
CA LEU C 38 14.91 -0.19 15.37
C LEU C 38 14.88 0.96 14.37
N SER C 39 16.03 1.57 14.12
CA SER C 39 16.12 2.66 13.14
C SER C 39 15.65 2.20 11.76
N GLU C 40 15.98 0.96 11.42
CA GLU C 40 15.36 0.25 10.30
C GLU C 40 13.83 0.43 10.31
N LYS C 41 13.19 0.02 11.41
CA LYS C 41 11.75 -0.11 11.50
C LYS C 41 11.06 1.26 11.63
N MET C 42 11.79 2.28 12.07
CA MET C 42 11.18 3.56 12.40
C MET C 42 11.56 4.62 11.39
N GLY C 43 12.41 4.23 10.44
CA GLY C 43 13.00 5.18 9.51
C GLY C 43 13.73 6.35 10.16
N VAL C 44 14.57 6.07 11.14
CA VAL C 44 15.47 7.08 11.67
C VAL C 44 16.90 6.54 11.60
N THR C 45 17.89 7.31 12.06
CA THR C 45 19.26 6.80 12.12
C THR C 45 19.58 6.08 13.44
N ALA C 46 20.18 4.91 13.34
CA ALA C 46 20.55 4.13 14.52
C ALA C 46 21.36 4.97 15.51
N SER C 47 22.00 6.04 15.03
CA SER C 47 22.78 6.88 15.94
C SER C 47 21.83 7.63 16.83
N GLN C 48 20.88 8.30 16.18
CA GLN C 48 19.94 9.17 16.87
C GLN C 48 19.28 8.42 18.00
N ILE C 49 18.92 7.17 17.75
CA ILE C 49 18.26 6.37 18.78
C ILE C 49 19.16 6.17 19.99
N ARG C 50 20.37 5.66 19.75
CA ARG C 50 21.35 5.48 20.80
C ARG C 50 21.63 6.85 21.40
N GLN C 51 21.78 7.85 20.53
CA GLN C 51 22.04 9.21 20.94
C GLN C 51 20.99 9.69 21.92
N ASP C 52 19.74 9.76 21.46
CA ASP C 52 18.66 10.25 22.26
C ASP C 52 18.64 9.53 23.57
N LEU C 53 18.55 8.20 23.51
CA LEU C 53 18.36 7.42 24.69
C LEU C 53 19.46 7.68 25.70
N ASN C 54 20.66 7.95 25.22
CA ASN C 54 21.79 8.21 26.13
C ASN C 54 21.82 9.60 26.71
N ASN C 55 20.63 10.13 26.94
CA ASN C 55 20.44 11.32 27.75
C ASN C 55 19.96 10.86 29.11
N PHE C 56 19.41 9.65 29.15
CA PHE C 56 18.76 9.13 30.35
C PHE C 56 19.49 7.90 30.81
N GLY C 57 20.63 7.63 30.20
CA GLY C 57 21.47 6.51 30.60
C GLY C 57 21.51 5.38 29.58
N GLY C 58 22.15 4.29 29.96
CA GLY C 58 22.31 3.16 29.05
C GLY C 58 21.34 2.04 29.36
N PHE C 59 20.34 1.86 28.52
CA PHE C 59 19.36 0.77 28.69
C PHE C 59 19.75 -0.40 27.80
N GLY C 60 20.79 -0.18 27.02
CA GLY C 60 21.29 -1.16 26.09
C GLY C 60 22.38 -1.99 26.71
N GLN C 61 22.72 -3.07 26.03
CA GLN C 61 23.78 -3.97 26.45
C GLN C 61 24.64 -4.32 25.23
N GLN C 62 25.93 -3.95 25.29
CA GLN C 62 26.89 -4.23 24.21
C GLN C 62 26.72 -5.66 23.75
N GLY C 63 26.70 -5.85 22.44
CA GLY C 63 26.53 -7.20 21.89
C GLY C 63 25.09 -7.70 21.88
N TYR C 64 24.25 -7.15 22.76
CA TYR C 64 22.92 -7.69 22.93
C TYR C 64 21.88 -6.82 22.22
N GLY C 65 22.00 -5.51 22.39
CA GLY C 65 20.92 -4.60 22.00
C GLY C 65 20.13 -4.15 23.22
N TYR C 66 18.82 -3.92 23.03
CA TYR C 66 17.95 -3.40 24.10
C TYR C 66 16.88 -4.41 24.46
N ASN C 67 16.76 -4.70 25.75
CA ASN C 67 15.68 -5.57 26.22
C ASN C 67 14.36 -4.83 26.12
N VAL C 68 13.52 -5.26 25.19
CA VAL C 68 12.28 -4.56 24.88
C VAL C 68 11.55 -4.20 26.17
N GLU C 69 11.19 -5.21 26.95
CA GLU C 69 10.42 -4.95 28.16
C GLU C 69 11.06 -3.88 29.05
N GLU C 70 12.36 -4.00 29.30
CA GLU C 70 13.02 -3.11 30.24
C GLU C 70 13.09 -1.69 29.69
N LEU C 71 13.41 -1.55 28.40
CA LEU C 71 13.44 -0.23 27.76
C LEU C 71 12.07 0.43 27.70
N TYR C 72 11.07 -0.31 27.23
CA TYR C 72 9.71 0.17 27.27
C TYR C 72 9.43 0.73 28.67
N ASN C 73 9.38 -0.16 29.65
CA ASN C 73 9.09 0.24 31.02
C ASN C 73 9.91 1.43 31.50
N ASN C 74 11.03 1.69 30.84
CA ASN C 74 11.85 2.86 31.14
C ASN C 74 11.34 4.11 30.46
N LEU C 75 10.88 3.96 29.21
CA LEU C 75 10.33 5.09 28.48
C LEU C 75 9.11 5.56 29.23
N THR C 76 8.27 4.61 29.58
CA THR C 76 7.18 4.86 30.49
C THR C 76 7.57 5.78 31.63
N LYS C 77 8.60 5.41 32.39
CA LYS C 77 9.03 6.23 33.53
C LYS C 77 9.55 7.62 33.14
N ILE C 78 10.20 7.70 31.96
CA ILE C 78 10.74 8.98 31.44
C ILE C 78 9.65 9.99 31.01
N LEU C 79 8.72 9.49 30.20
CA LEU C 79 7.51 10.22 29.86
C LEU C 79 6.62 10.53 31.06
N GLY C 80 6.98 9.98 32.20
CA GLY C 80 6.27 10.27 33.42
C GLY C 80 4.92 9.63 33.40
N LEU C 81 4.78 8.58 32.61
CA LEU C 81 3.49 7.91 32.51
C LEU C 81 3.28 6.86 33.59
N ASP C 82 4.14 6.86 34.61
CA ASP C 82 3.99 5.95 35.72
C ASP C 82 3.23 6.66 36.85
N LYS C 83 3.16 8.00 36.75
CA LYS C 83 2.44 8.77 37.72
C LYS C 83 1.02 8.98 37.26
N THR C 84 0.34 9.88 37.95
CA THR C 84 -1.05 10.15 37.69
C THR C 84 -1.29 11.65 37.53
N TYR C 85 -2.17 12.03 36.60
CA TYR C 85 -2.44 13.44 36.34
C TYR C 85 -3.93 13.74 36.41
N ASN C 86 -4.31 14.70 37.24
CA ASN C 86 -5.67 15.18 37.24
C ASN C 86 -5.90 16.24 36.15
N THR C 87 -6.91 16.01 35.32
CA THR C 87 -7.16 16.92 34.22
C THR C 87 -8.55 17.51 34.27
N ILE C 88 -8.67 18.69 33.70
CA ILE C 88 -9.98 19.27 33.46
C ILE C 88 -10.06 19.84 32.04
N ILE C 89 -11.30 19.93 31.56
CA ILE C 89 -11.54 20.52 30.25
C ILE C 89 -12.25 21.86 30.38
N ILE C 90 -11.74 22.89 29.72
CA ILE C 90 -12.50 24.11 29.60
C ILE C 90 -13.16 24.24 28.25
N GLY C 91 -14.48 24.30 28.24
CA GLY C 91 -15.21 24.44 27.00
C GLY C 91 -15.77 23.11 26.56
N ALA C 92 -17.01 22.84 26.98
CA ALA C 92 -17.71 21.60 26.64
C ALA C 92 -18.38 21.72 25.27
N GLY C 93 -17.62 22.28 24.32
CA GLY C 93 -18.02 22.30 22.93
C GLY C 93 -17.82 21.00 22.18
N ASN C 94 -17.61 21.13 20.86
CA ASN C 94 -17.44 19.97 20.03
C ASN C 94 -16.18 19.23 20.39
N LEU C 95 -15.08 19.86 20.04
CA LEU C 95 -13.76 19.49 20.47
C LEU C 95 -13.69 19.08 21.94
N GLY C 96 -14.05 20.04 22.81
CA GLY C 96 -14.25 19.76 24.25
C GLY C 96 -14.76 18.35 24.55
N GLN C 97 -15.97 18.03 24.10
CA GLN C 97 -16.61 16.80 24.44
C GLN C 97 -15.91 15.62 23.75
N ALA C 98 -15.51 15.82 22.50
CA ALA C 98 -14.78 14.77 21.83
C ALA C 98 -13.62 14.35 22.66
N ILE C 99 -12.84 15.31 23.13
CA ILE C 99 -11.72 14.99 24.03
C ILE C 99 -12.17 14.41 25.39
N ALA C 100 -13.38 14.77 25.81
CA ALA C 100 -13.85 14.39 27.13
C ALA C 100 -14.23 12.93 27.07
N ASN C 101 -14.71 12.55 25.89
CA ASN C 101 -15.19 11.21 25.70
C ASN C 101 -14.11 10.17 25.52
N TYR C 102 -12.96 10.61 25.06
CA TYR C 102 -11.92 9.70 24.62
C TYR C 102 -11.23 9.10 25.83
N THR C 103 -11.18 7.76 25.95
CA THR C 103 -10.73 7.16 27.22
C THR C 103 -9.29 6.68 27.25
N SER C 104 -8.67 6.56 26.07
CA SER C 104 -7.30 6.06 25.93
C SER C 104 -6.32 6.85 26.77
N PHE C 105 -6.61 8.12 27.01
CA PHE C 105 -5.67 8.94 27.76
C PHE C 105 -5.63 8.45 29.17
N GLU C 106 -6.78 8.00 29.66
CA GLU C 106 -6.91 7.44 31.00
C GLU C 106 -5.90 6.35 31.23
N LYS C 107 -5.93 5.32 30.39
CA LYS C 107 -5.04 4.18 30.54
C LYS C 107 -3.63 4.60 30.97
N SER C 108 -3.20 5.78 30.48
CA SER C 108 -1.79 6.20 30.53
C SER C 108 -1.51 7.17 31.67
N GLY C 109 -2.52 7.47 32.48
CA GLY C 109 -2.32 8.25 33.69
C GLY C 109 -3.13 9.53 33.83
N PHE C 110 -3.96 9.83 32.85
CA PHE C 110 -4.60 11.14 32.79
C PHE C 110 -6.07 11.04 33.10
N ASN C 111 -6.48 11.54 34.26
CA ASN C 111 -7.86 11.41 34.70
C ASN C 111 -8.67 12.67 34.69
N LEU C 112 -9.78 12.60 33.98
CA LEU C 112 -10.68 13.73 33.82
C LEU C 112 -11.46 13.90 35.11
N LYS C 113 -11.28 15.05 35.74
CA LYS C 113 -11.89 15.30 37.00
C LYS C 113 -13.03 16.29 36.88
N GLY C 114 -13.08 17.03 35.77
CA GLY C 114 -14.11 18.04 35.61
C GLY C 114 -14.12 18.78 34.30
N ILE C 115 -15.32 19.25 33.95
CA ILE C 115 -15.58 19.94 32.67
C ILE C 115 -16.29 21.23 32.94
N PHE C 116 -15.89 22.29 32.24
CA PHE C 116 -16.37 23.64 32.50
C PHE C 116 -16.87 24.41 31.29
N ASP C 117 -17.92 25.18 31.49
CA ASP C 117 -18.46 25.96 30.42
C ASP C 117 -19.18 27.20 30.94
N ILE C 118 -19.38 28.20 30.06
CA ILE C 118 -20.14 29.41 30.44
C ILE C 118 -21.62 29.31 30.15
N ASN C 119 -21.99 28.49 29.21
CA ASN C 119 -23.38 28.38 28.85
C ASN C 119 -24.18 27.49 29.84
N PRO C 120 -25.19 28.07 30.56
CA PRO C 120 -25.86 27.38 31.68
C PRO C 120 -26.61 26.12 31.26
N ARG C 121 -26.85 25.99 29.96
CA ARG C 121 -27.56 24.87 29.42
C ARG C 121 -26.84 23.61 29.75
N LEU C 122 -25.53 23.72 29.96
CA LEU C 122 -24.71 22.53 30.05
C LEU C 122 -24.46 22.20 31.49
N PHE C 123 -24.80 23.12 32.38
CA PHE C 123 -24.42 23.00 33.77
C PHE C 123 -25.08 21.75 34.20
N GLY C 124 -24.39 20.89 34.94
CA GLY C 124 -25.01 19.67 35.43
C GLY C 124 -24.99 18.51 34.45
N LEU C 125 -25.23 18.77 33.15
CA LEU C 125 -25.05 17.75 32.11
C LEU C 125 -23.78 16.90 32.35
N LYS C 126 -23.92 15.58 32.18
CA LYS C 126 -22.82 14.64 32.47
C LYS C 126 -22.26 13.98 31.21
N ILE C 127 -20.95 14.08 31.00
CA ILE C 127 -20.27 13.39 29.90
C ILE C 127 -19.32 12.36 30.45
N ARG C 128 -19.48 11.10 30.06
CA ARG C 128 -18.70 10.00 30.63
C ARG C 128 -18.57 10.14 32.16
N ASP C 129 -19.67 10.49 32.81
CA ASP C 129 -19.74 10.55 34.28
C ASP C 129 -18.90 11.61 35.01
N VAL C 130 -18.54 12.67 34.31
CA VAL C 130 -18.01 13.88 34.92
C VAL C 130 -19.06 14.92 34.59
N GLU C 131 -19.56 15.69 35.55
CA GLU C 131 -20.58 16.67 35.17
C GLU C 131 -20.01 18.03 34.82
N VAL C 132 -20.63 18.68 33.86
CA VAL C 132 -20.12 19.94 33.35
C VAL C 132 -20.54 20.98 34.35
N MET C 133 -19.61 21.82 34.80
CA MET C 133 -19.90 22.85 35.79
C MET C 133 -19.58 24.29 35.32
N ASP C 134 -20.12 25.28 36.02
CA ASP C 134 -19.90 26.68 35.70
C ASP C 134 -18.43 27.07 35.79
N VAL C 135 -17.90 27.71 34.77
CA VAL C 135 -16.48 27.97 34.73
C VAL C 135 -16.09 29.05 35.72
N GLU C 136 -17.06 29.56 36.47
CA GLU C 136 -16.75 30.53 37.49
C GLU C 136 -16.08 29.79 38.60
N THR C 137 -16.60 28.60 38.89
CA THR C 137 -16.14 27.84 40.01
C THR C 137 -14.77 27.21 39.74
N VAL C 138 -14.24 27.39 38.53
CA VAL C 138 -13.05 26.64 38.13
C VAL C 138 -11.89 26.99 39.03
N GLU C 139 -11.65 28.28 39.22
CA GLU C 139 -10.47 28.74 39.94
C GLU C 139 -10.41 28.03 41.25
N ASP C 140 -11.59 27.81 41.81
CA ASP C 140 -11.71 27.22 43.11
C ASP C 140 -11.54 25.71 42.97
N PHE C 141 -12.29 25.11 42.07
CA PHE C 141 -12.21 23.68 41.83
C PHE C 141 -10.79 23.18 41.60
N ILE C 142 -10.00 23.96 40.85
CA ILE C 142 -8.61 23.60 40.54
C ILE C 142 -7.82 23.50 41.84
N ALA C 143 -7.99 24.49 42.69
CA ALA C 143 -7.29 24.51 43.97
C ALA C 143 -7.73 23.34 44.88
N ARG C 144 -9.03 23.08 44.98
CA ARG C 144 -9.45 22.02 45.85
C ARG C 144 -8.99 20.67 45.33
N ASN C 145 -8.92 20.48 44.02
CA ASN C 145 -8.73 19.13 43.49
C ASN C 145 -7.34 18.82 42.95
N LYS C 146 -6.39 19.70 43.22
CA LYS C 146 -5.02 19.50 42.74
C LYS C 146 -5.01 19.19 41.26
N ILE C 147 -5.51 20.11 40.46
CA ILE C 147 -5.65 19.82 39.06
C ILE C 147 -4.39 20.17 38.35
N ASP C 148 -3.90 19.23 37.55
CA ASP C 148 -2.54 19.31 37.07
C ASP C 148 -2.56 19.97 35.71
N ILE C 149 -3.44 19.51 34.83
CA ILE C 149 -3.47 19.99 33.45
C ILE C 149 -4.84 20.50 33.14
N GLY C 150 -4.86 21.68 32.52
CA GLY C 150 -6.09 22.21 31.95
C GLY C 150 -6.10 22.10 30.44
N ILE C 151 -7.11 21.39 29.92
CA ILE C 151 -7.33 21.33 28.49
C ILE C 151 -8.29 22.44 28.00
N LEU C 152 -7.75 23.31 27.13
CA LEU C 152 -8.44 24.51 26.66
C LEU C 152 -9.15 24.30 25.34
N CYS C 153 -10.47 24.30 25.35
CA CYS C 153 -11.27 24.19 24.12
C CYS C 153 -12.40 25.20 24.06
N ILE C 154 -12.05 26.44 24.40
CA ILE C 154 -13.01 27.51 24.38
C ILE C 154 -12.68 28.42 23.23
N PRO C 155 -13.63 29.28 22.83
CA PRO C 155 -13.39 30.17 21.69
C PRO C 155 -12.23 31.06 21.98
N LYS C 156 -11.48 31.40 20.92
CA LYS C 156 -10.20 32.11 21.02
C LYS C 156 -10.40 33.50 21.58
N ASP C 157 -11.59 34.02 21.40
CA ASP C 157 -11.87 35.39 21.79
C ASP C 157 -11.75 35.69 23.28
N ASN C 158 -10.89 36.63 23.63
CA ASN C 158 -10.68 37.01 25.02
C ASN C 158 -10.28 35.85 25.95
N ALA C 159 -9.63 34.84 25.38
CA ALA C 159 -9.48 33.60 26.11
C ALA C 159 -8.32 33.77 27.06
N GLN C 160 -7.47 34.74 26.78
CA GLN C 160 -6.30 34.92 27.60
C GLN C 160 -6.71 35.15 29.03
N TYR C 161 -7.75 35.92 29.20
CA TYR C 161 -8.40 36.08 30.49
C TYR C 161 -8.64 34.77 31.24
N THR C 162 -9.31 33.84 30.60
CA THR C 162 -9.64 32.58 31.22
C THR C 162 -8.35 31.80 31.44
N ALA C 163 -7.41 31.92 30.52
CA ALA C 163 -6.13 31.27 30.70
C ALA C 163 -5.55 31.69 32.03
N ASP C 164 -5.65 32.99 32.34
CA ASP C 164 -5.02 33.57 33.52
C ASP C 164 -5.63 33.00 34.76
N ARG C 165 -6.96 32.95 34.79
CA ARG C 165 -7.66 32.39 35.91
C ARG C 165 -7.14 30.99 36.19
N LEU C 166 -6.94 30.20 35.15
CA LEU C 166 -6.37 28.89 35.32
C LEU C 166 -5.06 28.99 36.02
N VAL C 167 -4.14 29.75 35.46
CA VAL C 167 -2.77 29.86 35.97
C VAL C 167 -2.78 30.31 37.40
N ARG C 168 -3.36 31.49 37.61
CA ARG C 168 -3.63 32.03 38.91
C ARG C 168 -4.08 31.01 39.94
N ALA C 169 -4.92 30.05 39.57
CA ALA C 169 -5.46 29.10 40.54
C ALA C 169 -4.49 27.98 40.80
N GLY C 170 -3.35 28.03 40.10
CA GLY C 170 -2.25 27.10 40.27
C GLY C 170 -2.23 25.87 39.36
N ILE C 171 -2.84 25.96 38.19
CA ILE C 171 -2.73 24.90 37.23
C ILE C 171 -1.24 24.74 36.88
N LYS C 172 -0.80 23.50 36.61
CA LYS C 172 0.61 23.25 36.38
C LYS C 172 0.98 23.28 34.92
N ALA C 173 0.00 22.95 34.08
CA ALA C 173 0.15 23.01 32.63
C ALA C 173 -1.19 23.26 31.92
N ILE C 174 -1.10 23.94 30.78
CA ILE C 174 -2.22 24.04 29.88
C ILE C 174 -1.99 23.31 28.56
N TRP C 175 -2.96 22.51 28.14
CA TRP C 175 -2.96 21.94 26.80
C TRP C 175 -3.91 22.76 25.93
N ASN C 176 -3.38 23.42 24.92
CA ASN C 176 -4.08 24.51 24.24
C ASN C 176 -4.56 24.18 22.82
N PHE C 177 -5.88 24.09 22.64
CA PHE C 177 -6.40 23.80 21.33
C PHE C 177 -6.87 25.05 20.57
N LEU C 178 -6.66 26.23 21.15
CA LEU C 178 -7.03 27.50 20.50
C LEU C 178 -5.96 27.94 19.55
N PRO C 179 -6.34 28.58 18.44
CA PRO C 179 -5.41 29.13 17.46
C PRO C 179 -4.80 30.47 17.87
N ILE C 180 -4.35 30.59 19.11
CA ILE C 180 -3.83 31.83 19.68
C ILE C 180 -2.60 31.44 20.45
N ASP C 181 -1.59 32.31 20.51
CA ASP C 181 -0.47 32.01 21.42
C ASP C 181 -0.79 32.63 22.76
N LEU C 182 -0.93 31.81 23.79
CA LEU C 182 -1.28 32.37 25.09
C LEU C 182 -0.03 32.77 25.83
N LYS C 183 -0.21 33.55 26.90
CA LYS C 183 0.92 33.96 27.73
C LYS C 183 0.84 33.34 29.11
N VAL C 184 1.86 32.57 29.48
CA VAL C 184 1.89 31.96 30.79
C VAL C 184 3.22 32.23 31.44
N PRO C 185 3.26 32.25 32.79
CA PRO C 185 4.43 32.32 33.65
C PRO C 185 5.46 31.25 33.31
N ASP C 186 6.65 31.41 33.84
CA ASP C 186 7.72 30.44 33.61
C ASP C 186 7.48 29.03 34.10
N ASP C 187 6.78 28.91 35.21
CA ASP C 187 6.56 27.62 35.81
C ASP C 187 5.27 26.98 35.34
N VAL C 188 4.72 27.43 34.22
CA VAL C 188 3.59 26.71 33.64
C VAL C 188 3.89 26.15 32.26
N ILE C 189 3.70 24.84 32.11
CA ILE C 189 3.96 24.21 30.82
C ILE C 189 2.81 24.52 29.83
N LEU C 190 3.12 25.24 28.75
CA LEU C 190 2.09 25.45 27.74
C LEU C 190 2.36 24.56 26.57
N GLU C 191 1.43 23.64 26.30
CA GLU C 191 1.48 22.87 25.07
C GLU C 191 0.44 23.37 24.10
N ASN C 192 0.92 23.85 22.97
CA ASN C 192 0.05 24.21 21.87
C ASN C 192 -0.28 23.03 20.93
N VAL C 193 -1.52 22.90 20.51
CA VAL C 193 -1.78 21.97 19.42
C VAL C 193 -1.71 22.73 18.06
N HIS C 194 -2.76 23.49 17.73
CA HIS C 194 -2.71 24.35 16.53
C HIS C 194 -2.99 23.56 15.28
N LEU C 195 -4.21 23.06 15.17
CA LEU C 195 -4.56 22.28 14.00
C LEU C 195 -4.65 23.28 12.88
N SER C 196 -5.39 24.34 13.21
CA SER C 196 -5.55 25.54 12.41
C SER C 196 -4.28 25.77 11.53
N ASP C 197 -3.09 25.57 12.15
CA ASP C 197 -1.75 25.70 11.48
C ASP C 197 -1.38 24.45 10.74
N SER C 198 -1.15 23.38 11.46
CA SER C 198 -0.80 22.08 10.87
C SER C 198 -1.50 21.71 9.56
N LEU C 199 -2.79 22.02 9.49
CA LEU C 199 -3.53 21.82 8.25
C LEU C 199 -2.98 22.72 7.10
N PHE C 200 -2.67 23.97 7.42
CA PHE C 200 -2.07 24.86 6.44
C PHE C 200 -0.74 24.40 5.82
N THR C 201 0.01 23.62 6.57
CA THR C 201 1.26 23.15 6.06
C THR C 201 0.94 22.08 5.00
N VAL C 202 -0.31 21.64 4.98
CA VAL C 202 -0.76 20.76 3.89
C VAL C 202 -1.09 21.54 2.63
N SER C 203 -1.99 22.50 2.76
CA SER C 203 -2.28 23.33 1.63
C SER C 203 -1.00 23.96 1.10
N TYR C 204 -0.09 24.31 2.02
CA TYR C 204 1.17 24.87 1.59
C TYR C 204 1.94 23.86 0.79
N ARG C 205 1.99 22.62 1.28
CA ARG C 205 2.77 21.58 0.64
C ARG C 205 2.22 21.19 -0.71
N LEU C 206 0.91 21.25 -0.86
CA LEU C 206 0.29 20.94 -2.15
C LEU C 206 0.66 21.99 -3.17
N ASN C 207 0.66 23.24 -2.76
CA ASN C 207 0.98 24.30 -3.70
C ASN C 207 2.46 24.57 -3.91
N GLU C 208 3.33 24.15 -2.98
CA GLU C 208 4.71 24.63 -3.00
C GLU C 208 5.42 24.38 -4.32
N GLU C 209 5.26 23.19 -4.87
CA GLU C 209 6.05 22.83 -6.03
C GLU C 209 5.70 23.71 -7.26
N GLU C 210 4.44 24.11 -7.37
CA GLU C 210 4.01 25.06 -8.37
C GLU C 210 4.30 26.53 -8.02
N LEU C 211 4.58 26.81 -6.75
CA LEU C 211 4.83 28.18 -6.25
C LEU C 211 6.25 28.62 -6.54
N PHE C 212 7.07 27.69 -7.03
CA PHE C 212 8.46 27.97 -7.35
C PHE C 212 8.71 27.90 -8.85
N LYS C 213 7.64 27.64 -9.59
CA LYS C 213 7.59 27.99 -10.99
C LYS C 213 6.99 29.40 -11.13
N LYS C 214 6.12 29.75 -10.18
CA LYS C 214 5.56 31.09 -10.10
C LYS C 214 6.62 32.11 -9.70
N LEU C 215 7.69 31.66 -9.05
CA LEU C 215 8.73 32.56 -8.56
C LEU C 215 10.06 32.35 -9.24
N LYS C 216 10.30 31.15 -9.75
CA LYS C 216 11.48 30.91 -10.59
C LYS C 216 11.19 31.29 -12.03
N GLY C 217 9.94 31.67 -12.31
CA GLY C 217 9.59 32.35 -13.55
C GLY C 217 9.45 33.84 -13.28
N GLU C 218 10.45 34.39 -12.61
CA GLU C 218 10.45 35.79 -12.14
C GLU C 218 11.83 36.45 -12.30
N THR C 219 12.90 35.64 -12.47
CA THR C 219 14.27 36.14 -12.75
C THR C 219 14.67 36.10 -14.24
N ALA C 220 14.88 34.89 -14.78
CA ALA C 220 15.30 34.71 -16.18
C ALA C 220 14.35 33.78 -16.96
N LYS D 4 10.39 14.92 0.54
CA LYS D 4 11.33 16.07 0.78
C LYS D 4 10.90 17.29 -0.03
N THR D 5 10.64 18.40 0.67
CA THR D 5 10.09 19.61 0.06
C THR D 5 11.16 20.64 -0.26
N ILE D 6 10.83 21.59 -1.13
CA ILE D 6 11.79 22.59 -1.61
C ILE D 6 12.33 23.46 -0.48
N VAL D 7 11.43 24.07 0.29
CA VAL D 7 11.83 24.84 1.46
C VAL D 7 12.01 23.92 2.66
N SER D 8 12.89 24.31 3.55
CA SER D 8 13.06 23.60 4.81
C SER D 8 11.76 23.60 5.62
N MET D 9 11.39 22.43 6.13
CA MET D 9 10.17 22.27 6.93
C MET D 9 10.10 23.19 8.13
N ALA D 10 11.22 23.32 8.82
CA ALA D 10 11.30 24.15 10.02
C ALA D 10 10.69 25.52 9.72
N VAL D 11 10.96 26.00 8.52
CA VAL D 11 10.42 27.27 8.03
C VAL D 11 8.92 27.19 7.75
N ILE D 12 8.55 26.19 6.96
CA ILE D 12 7.17 25.99 6.56
C ILE D 12 6.20 26.01 7.73
N ARG D 13 6.56 25.33 8.82
CA ARG D 13 5.72 25.30 9.99
C ARG D 13 5.65 26.65 10.68
N ARG D 14 6.52 27.57 10.31
CA ARG D 14 6.43 28.89 10.91
C ARG D 14 5.53 29.81 10.09
N LEU D 15 5.20 29.36 8.89
CA LEU D 15 4.45 30.20 7.97
C LEU D 15 3.03 30.48 8.40
N PRO D 16 2.28 29.44 8.79
CA PRO D 16 0.93 29.67 9.28
C PRO D 16 0.95 30.61 10.45
N ARG D 17 2.06 30.57 11.20
CA ARG D 17 2.25 31.45 12.37
C ARG D 17 2.37 32.94 12.02
N TYR D 18 3.19 33.26 11.02
CA TYR D 18 3.28 34.62 10.49
C TYR D 18 1.93 35.05 9.99
N HIS D 19 1.31 34.18 9.19
CA HIS D 19 -0.01 34.44 8.65
C HIS D 19 -0.97 34.88 9.71
N ARG D 20 -0.91 34.23 10.86
CA ARG D 20 -1.84 34.44 11.97
C ARG D 20 -1.73 35.83 12.56
N TYR D 21 -0.49 36.23 12.87
CA TYR D 21 -0.17 37.57 13.41
C TYR D 21 -0.43 38.62 12.37
N LEU D 22 0.02 38.37 11.15
CA LEU D 22 -0.07 39.37 10.12
C LEU D 22 -1.52 39.72 9.97
N GLU D 23 -2.39 38.78 10.31
CA GLU D 23 -3.81 39.03 10.17
C GLU D 23 -4.41 39.78 11.33
N GLU D 24 -3.83 39.60 12.52
CA GLU D 24 -4.12 40.46 13.68
C GLU D 24 -3.86 41.92 13.37
N LEU D 25 -2.65 42.20 12.90
CA LEU D 25 -2.24 43.56 12.49
C LEU D 25 -3.20 44.11 11.43
N LEU D 26 -3.39 43.38 10.32
CA LEU D 26 -4.33 43.81 9.29
C LEU D 26 -5.69 44.15 9.87
N LYS D 27 -6.16 43.29 10.76
CA LYS D 27 -7.46 43.47 11.43
C LYS D 27 -7.51 44.75 12.27
N ASN D 28 -6.35 45.20 12.74
CA ASN D 28 -6.27 46.40 13.59
C ASN D 28 -5.88 47.68 12.81
N ASP D 29 -5.93 47.61 11.47
CA ASP D 29 -5.60 48.75 10.62
C ASP D 29 -4.15 49.25 10.71
N VAL D 30 -3.25 48.45 11.30
CA VAL D 30 -1.83 48.77 11.30
C VAL D 30 -1.32 48.73 9.87
N LYS D 31 -0.80 49.87 9.42
CA LYS D 31 -0.49 50.05 8.02
C LYS D 31 0.78 49.29 7.64
N ARG D 32 1.78 49.29 8.52
CA ARG D 32 3.04 48.59 8.27
C ARG D 32 3.76 48.18 9.54
N ILE D 33 4.59 47.15 9.41
CA ILE D 33 5.44 46.73 10.50
C ILE D 33 6.82 46.38 10.00
N SER D 34 7.81 46.46 10.88
CA SER D 34 9.16 46.09 10.55
C SER D 34 9.49 44.80 11.25
N SER D 35 10.40 44.02 10.66
CA SER D 35 10.81 42.76 11.26
C SER D 35 11.29 43.08 12.66
N ARG D 36 11.94 44.23 12.77
CA ARG D 36 12.23 44.84 14.04
C ARG D 36 11.08 44.56 15.00
N GLU D 37 9.92 45.17 14.75
CA GLU D 37 8.81 45.13 15.69
C GLU D 37 8.09 43.79 15.71
N LEU D 38 8.19 43.04 14.64
CA LEU D 38 7.46 41.79 14.55
C LEU D 38 8.11 40.76 15.45
N SER D 39 9.41 40.57 15.31
CA SER D 39 10.12 39.63 16.17
C SER D 39 9.93 39.98 17.65
N GLU D 40 9.87 41.28 17.90
CA GLU D 40 9.48 41.81 19.21
C GLU D 40 8.19 41.13 19.60
N LYS D 41 7.19 41.21 18.71
CA LYS D 41 5.79 40.89 19.04
C LYS D 41 5.54 39.38 19.09
N MET D 42 6.43 38.63 18.45
CA MET D 42 6.24 37.21 18.26
C MET D 42 7.21 36.41 19.10
N GLY D 43 8.09 37.10 19.82
CA GLY D 43 9.22 36.44 20.46
C GLY D 43 10.05 35.52 19.57
N VAL D 44 10.50 36.04 18.43
CA VAL D 44 11.52 35.37 17.62
C VAL D 44 12.60 36.36 17.29
N THR D 45 13.59 35.93 16.54
CA THR D 45 14.63 36.83 16.13
C THR D 45 14.29 37.54 14.83
N ALA D 46 14.49 38.85 14.82
CA ALA D 46 14.25 39.65 13.62
C ALA D 46 14.93 39.08 12.37
N SER D 47 16.01 38.32 12.54
CA SER D 47 16.67 37.75 11.37
C SER D 47 15.83 36.64 10.82
N GLN D 48 15.42 35.73 11.69
CA GLN D 48 14.69 34.55 11.30
C GLN D 48 13.54 34.97 10.43
N ILE D 49 12.83 36.00 10.83
CA ILE D 49 11.72 36.47 10.05
C ILE D 49 12.16 36.89 8.65
N ARG D 50 13.11 37.82 8.54
CA ARG D 50 13.60 38.26 7.24
C ARG D 50 14.15 37.05 6.53
N GLN D 51 14.87 36.22 7.27
CA GLN D 51 15.43 34.99 6.74
C GLN D 51 14.37 34.12 6.08
N ASP D 52 13.37 33.74 6.88
CA ASP D 52 12.28 32.85 6.45
C ASP D 52 11.61 33.40 5.23
N LEU D 53 11.15 34.64 5.31
CA LEU D 53 10.49 35.29 4.19
C LEU D 53 11.30 35.35 2.89
N ASN D 54 12.61 35.56 3.01
CA ASN D 54 13.46 35.62 1.81
C ASN D 54 13.75 34.25 1.24
N ASN D 55 12.73 33.38 1.31
CA ASN D 55 12.72 32.14 0.60
C ASN D 55 11.73 32.31 -0.50
N PHE D 56 10.83 33.27 -0.32
CA PHE D 56 9.77 33.53 -1.29
C PHE D 56 9.89 34.93 -1.89
N GLY D 57 11.00 35.62 -1.60
CA GLY D 57 11.26 36.92 -2.20
C GLY D 57 11.34 38.01 -1.16
N GLY D 58 11.50 39.23 -1.64
CA GLY D 58 11.50 40.38 -0.75
C GLY D 58 10.15 41.07 -0.77
N PHE D 59 9.41 40.94 0.31
CA PHE D 59 8.14 41.64 0.43
C PHE D 59 8.39 42.88 1.23
N GLY D 60 9.64 43.03 1.68
CA GLY D 60 10.05 44.19 2.43
C GLY D 60 10.56 45.33 1.57
N GLN D 61 10.65 46.50 2.18
CA GLN D 61 11.17 47.70 1.52
C GLN D 61 12.16 48.39 2.45
N GLN D 62 13.43 48.44 2.03
CA GLN D 62 14.47 49.07 2.82
C GLN D 62 13.99 50.40 3.36
N GLY D 63 14.32 50.66 4.62
CA GLY D 63 13.92 51.90 5.27
C GLY D 63 12.47 51.86 5.73
N TYR D 64 11.66 51.07 5.04
CA TYR D 64 10.22 51.07 5.29
C TYR D 64 9.77 49.96 6.27
N GLY D 65 10.19 48.73 5.99
CA GLY D 65 9.63 47.57 6.65
C GLY D 65 8.70 46.86 5.68
N TYR D 66 7.68 46.18 6.22
CA TYR D 66 6.76 45.39 5.42
C TYR D 66 5.39 46.00 5.46
N ASN D 67 4.80 46.17 4.28
CA ASN D 67 3.40 46.58 4.18
C ASN D 67 2.49 45.45 4.63
N VAL D 68 1.81 45.64 5.76
CA VAL D 68 1.03 44.57 6.38
C VAL D 68 0.13 43.88 5.36
N GLU D 69 -0.73 44.66 4.71
CA GLU D 69 -1.67 44.11 3.74
C GLU D 69 -1.00 43.31 2.65
N GLU D 70 0.05 43.85 2.04
CA GLU D 70 0.67 43.15 0.94
C GLU D 70 1.35 41.85 1.38
N LEU D 71 2.06 41.93 2.51
CA LEU D 71 2.71 40.75 3.07
C LEU D 71 1.68 39.69 3.44
N TYR D 72 0.71 40.04 4.28
CA TYR D 72 -0.34 39.10 4.61
C TYR D 72 -0.83 38.44 3.34
N ASN D 73 -1.38 39.22 2.42
CA ASN D 73 -1.90 38.68 1.18
C ASN D 73 -0.92 37.73 0.50
N ASN D 74 0.36 37.91 0.76
CA ASN D 74 1.37 37.08 0.12
C ASN D 74 1.54 35.74 0.84
N LEU D 75 1.51 35.77 2.16
CA LEU D 75 1.50 34.55 2.94
C LEU D 75 0.32 33.69 2.54
N THR D 76 -0.88 34.30 2.50
CA THR D 76 -2.07 33.67 1.98
C THR D 76 -1.74 32.87 0.75
N LYS D 77 -1.14 33.51 -0.24
CA LYS D 77 -0.83 32.82 -1.49
C LYS D 77 0.21 31.68 -1.29
N ILE D 78 1.17 31.95 -0.42
CA ILE D 78 2.24 31.00 -0.16
C ILE D 78 1.67 29.75 0.52
N LEU D 79 0.91 29.93 1.59
CA LEU D 79 0.26 28.81 2.25
C LEU D 79 -0.80 28.14 1.38
N GLY D 80 -1.10 28.73 0.24
CA GLY D 80 -1.94 28.07 -0.72
C GLY D 80 -3.38 28.32 -0.40
N LEU D 81 -3.66 29.35 0.40
CA LEU D 81 -5.01 29.60 0.90
C LEU D 81 -5.83 30.50 -0.02
N ASP D 82 -5.34 30.65 -1.24
CA ASP D 82 -6.06 31.42 -2.24
C ASP D 82 -6.78 30.45 -3.16
N LYS D 83 -6.44 29.18 -3.05
CA LYS D 83 -7.14 28.18 -3.81
C LYS D 83 -8.23 27.54 -2.97
N THR D 84 -8.65 26.37 -3.47
CA THR D 84 -9.79 25.66 -2.93
C THR D 84 -9.50 24.16 -2.77
N TYR D 85 -9.86 23.58 -1.61
CA TYR D 85 -9.55 22.18 -1.31
C TYR D 85 -10.82 21.43 -0.98
N ASN D 86 -11.03 20.30 -1.65
CA ASN D 86 -12.16 19.47 -1.28
C ASN D 86 -11.74 18.47 -0.25
N THR D 87 -12.48 18.41 0.85
CA THR D 87 -12.04 17.50 1.87
C THR D 87 -13.09 16.50 2.20
N ILE D 88 -12.66 15.34 2.66
CA ILE D 88 -13.55 14.38 3.28
C ILE D 88 -13.04 13.92 4.66
N ILE D 89 -13.98 13.41 5.45
CA ILE D 89 -13.67 12.88 6.76
C ILE D 89 -14.07 11.42 6.81
N ILE D 90 -13.11 10.60 7.23
CA ILE D 90 -13.38 9.21 7.50
C ILE D 90 -13.50 8.93 9.02
N GLY D 91 -14.65 8.39 9.41
CA GLY D 91 -14.93 8.11 10.80
C GLY D 91 -15.77 9.22 11.40
N ALA D 92 -17.09 9.05 11.37
CA ALA D 92 -17.98 10.05 11.92
C ALA D 92 -18.16 9.84 13.41
N GLY D 93 -17.03 9.68 14.11
CA GLY D 93 -17.02 9.52 15.56
C GLY D 93 -17.02 10.87 16.25
N ASN D 94 -16.71 10.86 17.54
CA ASN D 94 -16.64 12.08 18.32
C ASN D 94 -15.76 13.11 17.63
N LEU D 95 -14.47 12.78 17.54
CA LEU D 95 -13.46 13.59 16.85
C LEU D 95 -13.92 13.93 15.45
N GLY D 96 -14.35 12.90 14.72
CA GLY D 96 -14.90 13.08 13.36
C GLY D 96 -15.91 14.20 13.28
N GLN D 97 -16.96 14.09 14.08
CA GLN D 97 -18.03 15.06 13.99
C GLN D 97 -17.55 16.41 14.47
N ALA D 98 -16.72 16.42 15.49
CA ALA D 98 -16.23 17.67 16.04
C ALA D 98 -15.49 18.43 14.96
N ILE D 99 -14.73 17.72 14.13
CA ILE D 99 -14.01 18.41 13.04
C ILE D 99 -14.92 18.72 11.87
N ALA D 100 -16.01 17.97 11.78
CA ALA D 100 -16.95 18.14 10.69
C ALA D 100 -17.76 19.38 10.94
N ASN D 101 -18.01 19.64 12.23
CA ASN D 101 -18.80 20.78 12.65
C ASN D 101 -18.03 22.07 12.57
N TYR D 102 -16.71 22.00 12.58
CA TYR D 102 -15.94 23.22 12.72
C TYR D 102 -15.85 23.96 11.40
N THR D 103 -16.44 25.15 11.33
CA THR D 103 -16.52 25.87 10.04
C THR D 103 -15.38 26.91 9.69
N SER D 104 -14.56 27.29 10.66
CA SER D 104 -13.43 28.16 10.43
C SER D 104 -12.50 27.71 9.30
N PHE D 105 -12.44 26.41 9.04
CA PHE D 105 -11.51 25.90 8.03
C PHE D 105 -12.02 26.28 6.66
N GLU D 106 -13.35 26.31 6.54
CA GLU D 106 -14.00 26.72 5.28
C GLU D 106 -13.51 28.07 4.87
N LYS D 107 -13.65 29.05 5.76
CA LYS D 107 -13.22 30.42 5.47
C LYS D 107 -11.93 30.48 4.63
N SER D 108 -11.03 29.51 4.83
CA SER D 108 -9.63 29.63 4.37
C SER D 108 -9.36 28.74 3.15
N GLY D 109 -10.37 27.99 2.73
CA GLY D 109 -10.31 27.30 1.44
C GLY D 109 -10.78 25.85 1.43
N PHE D 110 -11.09 25.30 2.60
CA PHE D 110 -11.25 23.87 2.72
C PHE D 110 -12.68 23.50 2.86
N ASN D 111 -13.19 22.74 1.89
CA ASN D 111 -14.62 22.42 1.86
C ASN D 111 -14.97 20.97 2.06
N LEU D 112 -15.77 20.75 3.09
CA LEU D 112 -16.20 19.42 3.46
C LEU D 112 -17.21 18.98 2.47
N LYS D 113 -16.78 18.02 1.66
CA LYS D 113 -17.64 17.41 0.67
C LYS D 113 -18.27 16.11 1.15
N GLY D 114 -17.67 15.44 2.15
CA GLY D 114 -18.17 14.14 2.59
C GLY D 114 -17.62 13.51 3.87
N ILE D 115 -18.48 12.74 4.52
CA ILE D 115 -18.14 12.05 5.74
C ILE D 115 -18.48 10.58 5.58
N PHE D 116 -17.66 9.70 6.12
CA PHE D 116 -17.80 8.30 5.84
C PHE D 116 -17.69 7.51 7.12
N ASP D 117 -18.44 6.41 7.23
CA ASP D 117 -18.31 5.51 8.35
C ASP D 117 -18.62 4.09 7.95
N ILE D 118 -18.21 3.10 8.76
CA ILE D 118 -18.66 1.72 8.53
C ILE D 118 -19.97 1.40 9.20
N ASN D 119 -20.29 2.08 10.29
CA ASN D 119 -21.48 1.76 11.04
C ASN D 119 -22.78 2.31 10.44
N PRO D 120 -23.66 1.45 9.89
CA PRO D 120 -24.79 1.87 9.08
C PRO D 120 -25.82 2.68 9.86
N ARG D 121 -25.66 2.78 11.18
CA ARG D 121 -26.57 3.54 12.00
C ARG D 121 -26.19 4.99 11.95
N LEU D 122 -25.43 5.34 10.94
CA LEU D 122 -25.02 6.71 10.77
C LEU D 122 -25.27 7.06 9.35
N PHE D 123 -25.36 6.03 8.50
CA PHE D 123 -25.60 6.21 7.08
C PHE D 123 -26.78 7.17 6.97
N GLY D 124 -26.70 8.11 6.04
CA GLY D 124 -27.80 9.06 5.87
C GLY D 124 -27.80 10.25 6.82
N LEU D 125 -27.57 10.03 8.13
CA LEU D 125 -27.34 11.15 9.08
C LEU D 125 -26.58 12.37 8.50
N LYS D 126 -27.09 13.58 8.72
CA LYS D 126 -26.48 14.78 8.11
C LYS D 126 -25.90 15.78 9.12
N ILE D 127 -24.61 16.06 8.97
CA ILE D 127 -23.88 16.96 9.89
C ILE D 127 -23.55 18.20 9.12
N ARG D 128 -24.06 19.32 9.59
CA ARG D 128 -23.79 20.57 8.92
C ARG D 128 -24.03 20.42 7.42
N ASP D 129 -25.09 19.70 7.08
CA ASP D 129 -25.49 19.54 5.67
C ASP D 129 -24.59 18.78 4.69
N VAL D 130 -23.72 17.92 5.22
CA VAL D 130 -23.05 16.89 4.45
C VAL D 130 -23.54 15.56 4.99
N GLU D 131 -24.03 14.63 4.17
CA GLU D 131 -24.50 13.39 4.77
C GLU D 131 -23.43 12.33 4.97
N VAL D 132 -23.61 11.50 5.99
CA VAL D 132 -22.64 10.47 6.30
C VAL D 132 -22.94 9.30 5.39
N MET D 133 -21.92 8.77 4.74
CA MET D 133 -22.12 7.71 3.76
C MET D 133 -21.30 6.44 4.06
N ASP D 134 -21.71 5.29 3.54
CA ASP D 134 -20.92 4.07 3.64
C ASP D 134 -19.47 4.17 3.14
N VAL D 135 -18.53 3.79 3.98
CA VAL D 135 -17.13 3.96 3.65
C VAL D 135 -16.69 3.03 2.52
N GLU D 136 -17.54 2.10 2.13
CA GLU D 136 -17.28 1.36 0.90
C GLU D 136 -17.18 2.30 -0.28
N THR D 137 -18.09 3.26 -0.32
CA THR D 137 -18.27 4.04 -1.51
C THR D 137 -17.18 5.09 -1.64
N VAL D 138 -16.33 5.21 -0.63
CA VAL D 138 -15.35 6.28 -0.60
C VAL D 138 -14.47 6.26 -1.82
N GLU D 139 -13.93 5.09 -2.15
CA GLU D 139 -12.91 4.97 -3.19
C GLU D 139 -13.46 5.58 -4.44
N ASP D 140 -14.74 5.33 -4.68
CA ASP D 140 -15.42 5.85 -5.84
C ASP D 140 -15.66 7.36 -5.74
N PHE D 141 -16.25 7.76 -4.63
CA PHE D 141 -16.63 9.14 -4.35
C PHE D 141 -15.44 10.08 -4.48
N ILE D 142 -14.30 9.67 -3.90
CA ILE D 142 -13.06 10.40 -4.03
C ILE D 142 -12.80 10.67 -5.51
N ALA D 143 -12.92 9.64 -6.34
CA ALA D 143 -12.63 9.78 -7.74
C ALA D 143 -13.62 10.70 -8.42
N ARG D 144 -14.90 10.56 -8.12
CA ARG D 144 -15.84 11.40 -8.82
C ARG D 144 -15.71 12.86 -8.43
N ASN D 145 -15.33 13.12 -7.20
CA ASN D 145 -15.44 14.47 -6.67
C ASN D 145 -14.13 15.22 -6.50
N LYS D 146 -13.06 14.72 -7.11
CA LYS D 146 -11.75 15.37 -6.96
C LYS D 146 -11.46 15.74 -5.51
N ILE D 147 -11.38 14.74 -4.64
CA ILE D 147 -11.14 15.01 -3.24
C ILE D 147 -9.66 15.13 -2.93
N ASP D 148 -9.29 16.25 -2.34
CA ASP D 148 -7.88 16.57 -2.17
C ASP D 148 -7.31 16.03 -0.88
N ILE D 149 -7.98 16.32 0.21
CA ILE D 149 -7.53 15.90 1.53
C ILE D 149 -8.54 14.94 2.14
N GLY D 150 -8.07 13.81 2.64
CA GLY D 150 -8.85 12.95 3.53
C GLY D 150 -8.48 13.08 5.01
N ILE D 151 -9.47 13.44 5.84
CA ILE D 151 -9.22 13.52 7.27
C ILE D 151 -9.55 12.21 7.95
N LEU D 152 -8.54 11.68 8.61
CA LEU D 152 -8.62 10.37 9.18
C LEU D 152 -9.01 10.32 10.66
N CYS D 153 -10.22 9.87 10.95
CA CYS D 153 -10.67 9.82 12.33
C CYS D 153 -11.33 8.52 12.70
N ILE D 154 -10.74 7.42 12.24
CA ILE D 154 -11.22 6.10 12.58
C ILE D 154 -10.28 5.47 13.61
N PRO D 155 -10.71 4.36 14.25
CA PRO D 155 -9.85 3.71 15.25
C PRO D 155 -8.63 3.14 14.58
N LYS D 156 -7.54 3.08 15.34
CA LYS D 156 -6.21 2.83 14.78
C LYS D 156 -6.13 1.45 14.22
N ASP D 157 -6.94 0.55 14.77
CA ASP D 157 -6.87 -0.82 14.36
C ASP D 157 -7.05 -1.06 12.87
N ASN D 158 -6.04 -1.66 12.24
CA ASN D 158 -6.19 -2.08 10.84
C ASN D 158 -6.58 -0.88 9.93
N ALA D 159 -6.12 0.29 10.33
CA ALA D 159 -6.48 1.52 9.65
C ALA D 159 -5.69 1.66 8.38
N GLN D 160 -4.46 1.11 8.37
CA GLN D 160 -3.56 1.27 7.25
C GLN D 160 -4.21 0.78 5.96
N TYR D 161 -5.03 -0.26 6.11
CA TYR D 161 -5.88 -0.75 5.03
C TYR D 161 -6.77 0.36 4.47
N THR D 162 -7.37 1.13 5.36
CA THR D 162 -8.31 2.15 4.94
C THR D 162 -7.51 3.25 4.29
N ALA D 163 -6.35 3.48 4.88
CA ALA D 163 -5.44 4.47 4.35
C ALA D 163 -5.16 4.17 2.88
N ASP D 164 -4.71 2.95 2.60
CA ASP D 164 -4.48 2.46 1.22
C ASP D 164 -5.61 2.73 0.25
N ARG D 165 -6.81 2.29 0.60
CA ARG D 165 -7.97 2.59 -0.21
C ARG D 165 -8.00 4.06 -0.59
N LEU D 166 -7.78 4.93 0.39
CA LEU D 166 -7.81 6.35 0.12
C LEU D 166 -6.81 6.62 -0.97
N VAL D 167 -5.56 6.22 -0.73
CA VAL D 167 -4.43 6.59 -1.59
C VAL D 167 -4.74 6.10 -2.98
N ARG D 168 -5.07 4.81 -3.04
CA ARG D 168 -5.41 4.09 -4.25
C ARG D 168 -6.42 4.84 -5.11
N ALA D 169 -7.35 5.57 -4.49
CA ALA D 169 -8.39 6.26 -5.25
C ALA D 169 -7.92 7.66 -5.73
N GLY D 170 -6.73 8.04 -5.31
CA GLY D 170 -6.08 9.24 -5.81
C GLY D 170 -6.21 10.40 -4.87
N ILE D 171 -6.31 10.14 -3.58
CA ILE D 171 -6.33 11.23 -2.63
C ILE D 171 -4.96 11.87 -2.61
N LYS D 172 -4.94 13.19 -2.47
CA LYS D 172 -3.72 13.94 -2.66
C LYS D 172 -2.95 14.14 -1.36
N ALA D 173 -3.68 14.20 -0.24
CA ALA D 173 -3.07 14.19 1.09
C ALA D 173 -3.96 13.53 2.15
N ILE D 174 -3.32 13.02 3.21
CA ILE D 174 -4.05 12.61 4.41
C ILE D 174 -3.70 13.41 5.68
N TRP D 175 -4.74 13.85 6.38
CA TRP D 175 -4.62 14.46 7.69
C TRP D 175 -4.96 13.43 8.81
N ASN D 176 -3.92 13.02 9.54
CA ASN D 176 -4.03 11.80 10.32
C ASN D 176 -4.13 12.03 11.80
N PHE D 177 -5.29 11.75 12.34
CA PHE D 177 -5.49 11.93 13.76
C PHE D 177 -5.19 10.68 14.61
N LEU D 178 -4.93 9.56 13.93
CA LEU D 178 -4.66 8.28 14.61
C LEU D 178 -3.24 8.24 15.16
N PRO D 179 -3.06 7.52 16.28
CA PRO D 179 -1.75 7.39 16.97
C PRO D 179 -0.87 6.28 16.38
N ILE D 180 -0.75 6.27 15.06
CA ILE D 180 -0.05 5.25 14.27
C ILE D 180 0.70 6.06 13.22
N ASP D 181 1.87 5.59 12.81
CA ASP D 181 2.51 6.20 11.63
C ASP D 181 2.00 5.46 10.39
N LEU D 182 1.38 6.16 9.44
CA LEU D 182 0.88 5.49 8.23
C LEU D 182 1.89 5.47 7.13
N LYS D 183 1.76 4.49 6.23
CA LYS D 183 2.61 4.38 5.04
C LYS D 183 1.90 4.87 3.79
N VAL D 184 2.45 5.93 3.20
CA VAL D 184 1.95 6.50 1.96
C VAL D 184 3.06 6.63 0.94
N PRO D 185 2.71 6.49 -0.36
CA PRO D 185 3.49 6.80 -1.53
C PRO D 185 4.16 8.15 -1.45
N ASP D 186 5.15 8.37 -2.29
CA ASP D 186 5.90 9.62 -2.29
C ASP D 186 5.08 10.84 -2.62
N ASP D 187 4.11 10.69 -3.51
CA ASP D 187 3.34 11.82 -3.97
C ASP D 187 2.10 12.06 -3.13
N VAL D 188 2.02 11.46 -1.94
CA VAL D 188 0.94 11.80 -1.03
C VAL D 188 1.44 12.48 0.25
N ILE D 189 0.91 13.67 0.52
CA ILE D 189 1.27 14.38 1.71
C ILE D 189 0.61 13.75 2.93
N LEU D 190 1.42 13.26 3.87
CA LEU D 190 0.85 12.78 5.08
C LEU D 190 1.09 13.81 6.15
N GLU D 191 0.03 14.38 6.71
CA GLU D 191 0.17 15.17 7.91
C GLU D 191 -0.35 14.44 9.13
N ASN D 192 0.58 14.22 10.05
CA ASN D 192 0.25 13.60 11.31
C ASN D 192 -0.10 14.67 12.37
N VAL D 193 -1.14 14.38 13.16
CA VAL D 193 -1.42 15.17 14.34
C VAL D 193 -0.74 14.55 15.56
N HIS D 194 -1.29 13.45 16.07
CA HIS D 194 -0.68 12.74 17.23
C HIS D 194 -0.83 13.49 18.55
N LEU D 195 -2.09 13.66 18.98
CA LEU D 195 -2.35 14.27 20.28
C LEU D 195 -1.80 13.34 21.35
N SER D 196 -2.23 12.08 21.21
CA SER D 196 -1.71 10.94 21.95
C SER D 196 -0.24 11.22 22.40
N ASP D 197 0.56 11.82 21.51
CA ASP D 197 1.98 12.18 21.74
C ASP D 197 2.18 13.51 22.45
N SER D 198 1.96 14.62 21.73
CA SER D 198 1.90 15.99 22.29
C SER D 198 1.58 16.06 23.79
N LEU D 199 0.54 15.33 24.20
CA LEU D 199 0.12 15.31 25.59
C LEU D 199 1.24 14.76 26.44
N PHE D 200 1.88 13.71 25.96
CA PHE D 200 2.98 13.09 26.71
C PHE D 200 4.16 14.00 27.00
N THR D 201 4.47 14.89 26.07
CA THR D 201 5.58 15.81 26.24
C THR D 201 5.25 16.77 27.37
N VAL D 202 3.98 16.78 27.77
CA VAL D 202 3.58 17.56 28.92
C VAL D 202 3.88 16.74 30.15
N SER D 203 3.35 15.52 30.23
CA SER D 203 3.65 14.67 31.39
C SER D 203 5.16 14.58 31.54
N TYR D 204 5.86 14.47 30.42
CA TYR D 204 7.28 14.39 30.47
C TYR D 204 7.90 15.61 31.08
N ARG D 205 7.43 16.78 30.66
CA ARG D 205 8.00 18.05 31.11
C ARG D 205 7.71 18.29 32.58
N LEU D 206 6.58 17.77 33.03
CA LEU D 206 6.22 17.91 34.43
C LEU D 206 7.20 17.13 35.25
N ASN D 207 7.47 15.89 34.84
CA ASN D 207 8.41 15.04 35.58
C ASN D 207 9.90 15.23 35.33
N GLU D 208 10.27 15.87 34.22
CA GLU D 208 11.67 15.93 33.82
C GLU D 208 12.58 16.46 34.90
N GLU D 209 12.19 17.54 35.56
CA GLU D 209 13.11 18.22 36.48
C GLU D 209 13.42 17.36 37.73
N GLU D 210 12.45 16.54 38.13
CA GLU D 210 12.68 15.58 39.20
C GLU D 210 13.32 14.28 38.70
N LEU D 211 13.28 14.05 37.38
CA LEU D 211 13.81 12.84 36.77
C LEU D 211 15.33 12.88 36.64
N PHE D 212 15.93 14.02 36.94
CA PHE D 212 17.37 14.17 36.82
C PHE D 212 17.98 14.40 38.18
N LYS D 213 17.13 14.41 39.19
CA LYS D 213 17.55 14.12 40.55
C LYS D 213 17.46 12.62 40.77
N LYS D 214 16.54 11.97 40.08
CA LYS D 214 16.46 10.52 40.11
C LYS D 214 17.64 9.84 39.38
N LEU D 215 18.30 10.58 38.48
CA LEU D 215 19.42 10.06 37.67
C LEU D 215 20.76 10.75 37.91
N LYS D 216 20.72 12.00 38.39
CA LYS D 216 21.92 12.65 38.89
C LYS D 216 22.24 12.26 40.34
N GLY D 217 21.33 11.49 40.95
CA GLY D 217 21.61 10.78 42.21
C GLY D 217 21.87 9.31 41.94
N GLU D 218 22.76 9.05 41.00
CA GLU D 218 23.04 7.71 40.50
C GLU D 218 24.54 7.55 40.24
N THR D 219 25.27 8.67 40.14
CA THR D 219 26.74 8.68 39.98
C THR D 219 27.50 8.93 41.30
N ALA D 220 27.49 10.17 41.79
CA ALA D 220 28.19 10.56 43.01
C ALA D 220 27.24 11.15 44.05
#